data_7OUE
#
_entry.id   7OUE
#
_cell.length_a   39.743
_cell.length_b   74.259
_cell.length_c   101.726
_cell.angle_alpha   92.480
_cell.angle_beta   100.740
_cell.angle_gamma   105.460
#
_symmetry.space_group_name_H-M   'P 1'
#
loop_
_entity.id
_entity.type
_entity.pdbx_description
1 polymer 'N-glycosylase/DNA lyase'
2 polymer "DNA (5'-D(*TP*TP*TP*(PED)P*TP*TP*TP*CP*T)-3')"
3 non-polymer 'PHOSPHATE ION'
4 non-polymer 'POTASSIUM ION'
5 water water
#
loop_
_entity_poly.entity_id
_entity_poly.type
_entity_poly.pdbx_seq_one_letter_code
_entity_poly.pdbx_strand_id
1 'polypeptide(L)'
;GSHMIARIIGEIGIEGARFIEENIDEQFKALRYLSKGIDSETFVKLVIANSLVSYQLTGKGEQWWWEFAKYFYGRDVKSI
YLAYKEFLPNSRFNRRLIPQKLSRIRRVETFLSTLTEERIEEYYGDMSSLWGSIARALGVDKESKTVVFSVKMFGYAARI
VLSTFNPYPMEIPIPEDSRIVKLTKKLTNEKPRKFWMKIARESGVPPLHIDSILWPLLGGASIDSAPPELRDKLAELIKI
IR
;
A,C,E,G
2 'polydeoxyribonucleotide' (DT)(DT)(DT)(PED)(DT)(DT)(DT)(DC)(DT) B,D,F,H
#
# COMPACT_ATOMS: atom_id res chain seq x y z
N GLY A 1 34.59 -26.56 -33.88
CA GLY A 1 33.94 -26.62 -32.58
C GLY A 1 34.56 -27.68 -31.69
N SER A 2 33.72 -28.30 -30.85
CA SER A 2 34.19 -29.38 -29.99
C SER A 2 33.01 -30.32 -29.74
N HIS A 3 33.12 -31.56 -30.26
CA HIS A 3 32.11 -32.56 -29.96
C HIS A 3 32.13 -32.98 -28.50
N MET A 4 33.33 -33.04 -27.91
CA MET A 4 33.47 -33.34 -26.50
C MET A 4 32.69 -32.36 -25.64
N ILE A 5 32.96 -31.07 -25.84
CA ILE A 5 32.30 -30.04 -25.04
C ILE A 5 30.82 -29.95 -25.41
N ALA A 6 30.50 -29.99 -26.71
CA ALA A 6 29.10 -29.80 -27.12
C ALA A 6 28.21 -30.92 -26.60
N ARG A 7 28.71 -32.16 -26.58
CA ARG A 7 27.89 -33.26 -26.07
C ARG A 7 27.56 -33.07 -24.60
N ILE A 8 28.56 -32.71 -23.79
CA ILE A 8 28.31 -32.57 -22.35
C ILE A 8 27.47 -31.32 -22.08
N ILE A 9 27.67 -30.25 -22.84
CA ILE A 9 26.82 -29.07 -22.68
C ILE A 9 25.39 -29.38 -23.11
N GLY A 10 25.22 -30.21 -24.14
CA GLY A 10 23.89 -30.65 -24.51
C GLY A 10 23.19 -31.45 -23.41
N GLU A 11 23.95 -32.30 -22.72
CA GLU A 11 23.39 -33.05 -21.60
C GLU A 11 23.00 -32.13 -20.43
N ILE A 12 23.85 -31.13 -20.15
CA ILE A 12 23.51 -30.13 -19.14
C ILE A 12 22.29 -29.34 -19.56
N GLY A 13 22.31 -28.83 -20.80
CA GLY A 13 21.11 -28.29 -21.41
C GLY A 13 20.78 -26.90 -20.91
N ILE A 14 19.73 -26.32 -21.50
CA ILE A 14 19.24 -25.02 -21.05
C ILE A 14 18.83 -25.09 -19.59
N GLU A 15 18.24 -26.22 -19.18
CA GLU A 15 17.75 -26.33 -17.81
C GLU A 15 18.89 -26.45 -16.81
N GLY A 16 20.01 -27.08 -17.20
CA GLY A 16 21.18 -27.10 -16.34
C GLY A 16 21.83 -25.72 -16.22
N ALA A 17 21.94 -25.01 -17.34
CA ALA A 17 22.40 -23.62 -17.28
C ALA A 17 21.48 -22.79 -16.40
N ARG A 18 20.17 -23.02 -16.51
CA ARG A 18 19.21 -22.26 -15.73
C ARG A 18 19.35 -22.55 -14.25
N PHE A 19 19.67 -23.79 -13.88
CA PHE A 19 19.92 -24.10 -12.48
C PHE A 19 21.09 -23.29 -11.93
N ILE A 20 22.20 -23.24 -12.69
CA ILE A 20 23.35 -22.43 -12.26
C ILE A 20 22.97 -20.97 -12.15
N GLU A 21 22.27 -20.45 -13.16
CA GLU A 21 21.88 -19.04 -13.18
C GLU A 21 21.09 -18.68 -11.92
N GLU A 22 20.12 -19.51 -11.54
CA GLU A 22 19.18 -19.17 -10.48
C GLU A 22 19.64 -19.62 -9.10
N ASN A 23 20.73 -20.41 -9.01
CA ASN A 23 21.19 -20.92 -7.73
C ASN A 23 22.62 -20.55 -7.39
N ILE A 24 23.51 -20.39 -8.37
CA ILE A 24 24.92 -20.17 -8.11
C ILE A 24 25.38 -18.79 -8.56
N ASP A 25 24.94 -18.37 -9.75
CA ASP A 25 25.35 -17.10 -10.34
C ASP A 25 25.17 -15.95 -9.35
N GLU A 26 26.27 -15.27 -9.00
CA GLU A 26 26.21 -14.18 -8.04
C GLU A 26 25.59 -12.93 -8.64
N GLN A 27 25.67 -12.76 -9.96
CA GLN A 27 25.00 -11.63 -10.60
C GLN A 27 23.49 -11.74 -10.42
N PHE A 28 22.95 -12.95 -10.60
CA PHE A 28 21.53 -13.19 -10.41
C PHE A 28 21.12 -12.93 -8.98
N LYS A 29 21.97 -13.33 -8.01
CA LYS A 29 21.68 -13.07 -6.60
C LYS A 29 21.62 -11.57 -6.31
N ALA A 30 22.57 -10.81 -6.84
CA ALA A 30 22.56 -9.37 -6.63
C ALA A 30 21.34 -8.73 -7.26
N LEU A 31 20.95 -9.20 -8.44
CA LEU A 31 19.76 -8.68 -9.10
C LEU A 31 18.50 -9.01 -8.32
N ARG A 32 18.37 -10.25 -7.83
CA ARG A 32 17.20 -10.62 -7.04
C ARG A 32 17.10 -9.77 -5.77
N TYR A 33 18.24 -9.49 -5.11
CA TYR A 33 18.24 -8.57 -3.98
C TYR A 33 17.77 -7.17 -4.38
N LEU A 34 18.33 -6.62 -5.46
CA LEU A 34 17.95 -5.26 -5.85
C LEU A 34 16.47 -5.18 -6.18
N SER A 35 15.93 -6.19 -6.89
CA SER A 35 14.53 -6.18 -7.29
C SER A 35 13.58 -6.04 -6.09
N LYS A 36 14.04 -6.39 -4.90
CA LYS A 36 13.21 -6.24 -3.71
C LYS A 36 13.27 -4.83 -3.12
N GLY A 37 14.13 -3.95 -3.64
CA GLY A 37 14.25 -2.60 -3.06
C GLY A 37 14.01 -1.44 -4.01
N ILE A 38 13.41 -1.70 -5.16
CA ILE A 38 13.13 -0.66 -6.13
C ILE A 38 12.07 -1.18 -7.08
N ASP A 39 11.33 -0.26 -7.70
CA ASP A 39 10.22 -0.66 -8.55
C ASP A 39 10.71 -1.37 -9.80
N SER A 40 9.82 -2.21 -10.35
CA SER A 40 10.17 -3.15 -11.42
C SER A 40 10.74 -2.45 -12.64
N GLU A 41 10.16 -1.32 -13.02
CA GLU A 41 10.61 -0.68 -14.26
C GLU A 41 11.99 -0.05 -14.07
N THR A 42 12.20 0.66 -12.97
CA THR A 42 13.50 1.24 -12.68
C THR A 42 14.57 0.15 -12.55
N PHE A 43 14.20 -0.96 -11.91
CA PHE A 43 15.09 -2.11 -11.78
C PHE A 43 15.63 -2.54 -13.14
N VAL A 44 14.74 -2.76 -14.11
CA VAL A 44 15.18 -3.23 -15.42
C VAL A 44 15.99 -2.16 -16.14
N LYS A 45 15.58 -0.88 -16.02
CA LYS A 45 16.36 0.19 -16.62
C LYS A 45 17.77 0.26 -16.03
N LEU A 46 17.88 0.15 -14.70
CA LEU A 46 19.19 0.22 -14.06
C LEU A 46 20.07 -0.96 -14.47
N VAL A 47 19.49 -2.15 -14.57
CA VAL A 47 20.31 -3.31 -14.93
C VAL A 47 20.91 -3.10 -16.31
N ILE A 48 20.12 -2.59 -17.27
CA ILE A 48 20.67 -2.38 -18.61
C ILE A 48 21.74 -1.30 -18.58
N ALA A 49 21.44 -0.15 -17.96
CA ALA A 49 22.46 0.88 -17.79
C ALA A 49 23.73 0.31 -17.16
N ASN A 50 23.59 -0.44 -16.06
CA ASN A 50 24.77 -1.02 -15.42
C ASN A 50 25.57 -1.91 -16.39
N SER A 51 24.90 -2.82 -17.09
CA SER A 51 25.59 -3.67 -18.06
C SER A 51 26.40 -2.84 -19.05
N LEU A 52 25.85 -1.71 -19.49
CA LEU A 52 26.53 -0.92 -20.52
C LEU A 52 27.75 -0.18 -19.98
N VAL A 53 27.93 -0.12 -18.66
CA VAL A 53 29.13 0.48 -18.10
C VAL A 53 30.00 -0.56 -17.39
N SER A 54 29.66 -1.85 -17.49
CA SER A 54 30.37 -2.91 -16.78
C SER A 54 31.45 -3.48 -17.71
N TYR A 55 32.55 -2.77 -17.78
CA TYR A 55 33.71 -3.23 -18.54
C TYR A 55 34.93 -2.51 -18.01
N GLN A 56 36.09 -3.16 -18.14
CA GLN A 56 37.32 -2.60 -17.61
C GLN A 56 37.11 -2.16 -16.17
N LEU A 57 36.52 -3.05 -15.37
CA LEU A 57 36.18 -2.76 -14.00
C LEU A 57 37.44 -2.66 -13.14
N THR A 58 37.33 -1.92 -12.03
CA THR A 58 38.39 -1.91 -11.03
C THR A 58 38.08 -2.90 -9.91
N GLY A 59 37.75 -4.12 -10.36
CA GLY A 59 37.31 -5.19 -9.48
C GLY A 59 36.78 -6.34 -10.30
N LYS A 60 36.38 -7.39 -9.61
CA LYS A 60 35.79 -8.53 -10.30
C LYS A 60 34.29 -8.29 -10.51
N GLY A 61 33.74 -8.95 -11.52
CA GLY A 61 32.34 -8.76 -11.87
C GLY A 61 31.38 -8.97 -10.70
N GLU A 62 31.55 -10.06 -9.95
CA GLU A 62 30.63 -10.35 -8.85
C GLU A 62 30.61 -9.23 -7.81
N GLN A 63 31.79 -8.76 -7.42
CA GLN A 63 31.92 -7.65 -6.46
C GLN A 63 31.17 -6.42 -6.95
N TRP A 64 31.34 -6.12 -8.25
CA TRP A 64 30.79 -4.91 -8.83
C TRP A 64 29.27 -4.97 -8.90
N TRP A 65 28.71 -6.13 -9.30
CA TRP A 65 27.26 -6.22 -9.41
C TRP A 65 26.58 -6.19 -8.04
N TRP A 66 27.26 -6.71 -7.01
CA TRP A 66 26.78 -6.57 -5.63
C TRP A 66 26.90 -5.13 -5.15
N GLU A 67 28.00 -4.44 -5.51
CA GLU A 67 28.12 -3.02 -5.18
C GLU A 67 26.98 -2.23 -5.82
N PHE A 68 26.69 -2.51 -7.10
CA PHE A 68 25.56 -1.90 -7.80
C PHE A 68 24.23 -2.19 -7.11
N ALA A 69 23.99 -3.47 -6.78
CA ALA A 69 22.73 -3.83 -6.13
C ALA A 69 22.59 -3.13 -4.77
N LYS A 70 23.65 -3.14 -3.97
CA LYS A 70 23.58 -2.53 -2.64
C LYS A 70 23.44 -1.01 -2.73
N TYR A 71 23.99 -0.41 -3.78
CA TYR A 71 23.91 1.04 -3.91
C TYR A 71 22.48 1.48 -4.23
N PHE A 72 21.81 0.82 -5.16
CA PHE A 72 20.51 1.29 -5.61
C PHE A 72 19.34 0.74 -4.79
N TYR A 73 19.57 -0.29 -3.98
CA TYR A 73 18.51 -0.81 -3.12
C TYR A 73 17.97 0.31 -2.24
N GLY A 74 16.67 0.59 -2.35
CA GLY A 74 16.03 1.60 -1.52
C GLY A 74 16.29 3.03 -1.94
N ARG A 75 16.99 3.25 -3.04
CA ARG A 75 17.33 4.58 -3.52
C ARG A 75 16.20 5.15 -4.38
N ASP A 76 16.01 6.46 -4.29
CA ASP A 76 15.04 7.20 -5.08
C ASP A 76 15.75 7.66 -6.34
N VAL A 77 15.48 7.00 -7.47
CA VAL A 77 16.20 7.24 -8.72
C VAL A 77 15.27 7.95 -9.70
N LYS A 78 15.66 9.17 -10.10
CA LYS A 78 14.98 9.85 -11.20
C LYS A 78 15.79 9.63 -12.48
N SER A 79 16.68 10.57 -12.82
CA SER A 79 17.51 10.40 -14.00
C SER A 79 18.56 9.34 -13.76
N ILE A 80 18.63 8.34 -14.66
CA ILE A 80 19.63 7.31 -14.51
C ILE A 80 21.03 7.86 -14.79
N TYR A 81 21.13 8.79 -15.75
CA TYR A 81 22.39 9.46 -16.01
C TYR A 81 22.89 10.19 -14.77
N LEU A 82 22.02 10.99 -14.14
CA LEU A 82 22.41 11.70 -12.94
C LEU A 82 22.79 10.73 -11.83
N ALA A 83 22.04 9.63 -11.69
CA ALA A 83 22.40 8.64 -10.67
C ALA A 83 23.81 8.09 -10.91
N TYR A 84 24.12 7.73 -12.17
CA TYR A 84 25.45 7.18 -12.44
C TYR A 84 26.54 8.25 -12.34
N LYS A 85 26.25 9.48 -12.74
CA LYS A 85 27.21 10.57 -12.56
C LYS A 85 27.69 10.67 -11.12
N GLU A 86 26.80 10.41 -10.15
CA GLU A 86 27.17 10.42 -8.73
C GLU A 86 27.73 9.07 -8.28
N PHE A 87 27.20 7.97 -8.79
CA PHE A 87 27.61 6.65 -8.32
C PHE A 87 29.04 6.31 -8.73
N LEU A 88 29.34 6.36 -10.03
CA LEU A 88 30.61 5.80 -10.52
C LEU A 88 31.84 6.39 -9.85
N PRO A 89 32.02 7.72 -9.74
CA PRO A 89 33.28 8.23 -9.18
C PRO A 89 33.46 7.89 -7.71
N ASN A 90 32.41 7.52 -7.01
CA ASN A 90 32.52 7.12 -5.61
C ASN A 90 32.48 5.61 -5.42
N SER A 91 32.29 4.84 -6.49
CA SER A 91 32.30 3.39 -6.38
C SER A 91 33.70 2.86 -6.08
N ARG A 92 33.73 1.61 -5.59
CA ARG A 92 35.00 0.90 -5.48
C ARG A 92 35.39 0.20 -6.78
N PHE A 93 34.45 -0.44 -7.46
CA PHE A 93 34.79 -1.44 -8.47
C PHE A 93 34.56 -0.99 -9.91
N ASN A 94 34.18 0.28 -10.13
CA ASN A 94 34.02 0.76 -11.50
C ASN A 94 34.50 2.22 -11.59
N ARG A 95 35.82 2.42 -11.44
CA ARG A 95 36.41 3.75 -11.42
C ARG A 95 37.19 4.13 -12.68
N ARG A 96 37.29 3.26 -13.67
CA ARG A 96 37.99 3.57 -14.91
C ARG A 96 37.01 3.94 -16.01
N LEU A 97 37.42 4.87 -16.87
CA LEU A 97 36.66 5.22 -18.08
C LEU A 97 35.28 5.81 -17.74
N ILE A 98 35.20 6.54 -16.63
CA ILE A 98 33.93 7.12 -16.23
C ILE A 98 33.40 8.11 -17.27
N PRO A 99 34.21 9.02 -17.84
CA PRO A 99 33.63 9.95 -18.85
C PRO A 99 33.01 9.23 -20.04
N GLN A 100 33.75 8.30 -20.62
CA GLN A 100 33.21 7.41 -21.65
C GLN A 100 31.92 6.72 -21.21
N LYS A 101 31.90 6.17 -20.00
CA LYS A 101 30.75 5.38 -19.55
C LYS A 101 29.54 6.27 -19.32
N LEU A 102 29.72 7.44 -18.69
CA LEU A 102 28.61 8.36 -18.49
C LEU A 102 28.02 8.80 -19.82
N SER A 103 28.85 9.04 -20.82
CA SER A 103 28.34 9.42 -22.13
C SER A 103 27.49 8.30 -22.75
N ARG A 104 27.85 7.04 -22.51
CA ARG A 104 27.00 5.97 -23.04
C ARG A 104 25.65 5.96 -22.34
N ILE A 105 25.63 6.16 -21.03
CA ILE A 105 24.36 6.23 -20.31
C ILE A 105 23.50 7.37 -20.85
N ARG A 106 24.11 8.54 -21.01
CA ARG A 106 23.35 9.70 -21.51
C ARG A 106 22.70 9.39 -22.85
N ARG A 107 23.42 8.68 -23.73
CA ARG A 107 22.93 8.45 -25.09
C ARG A 107 21.83 7.39 -25.14
N VAL A 108 21.81 6.47 -24.19
CA VAL A 108 20.79 5.43 -24.15
C VAL A 108 19.63 5.80 -23.21
N GLU A 109 19.68 6.97 -22.58
CA GLU A 109 18.66 7.32 -21.60
C GLU A 109 17.28 7.39 -22.22
N THR A 110 17.18 7.90 -23.46
CA THR A 110 15.87 7.98 -24.10
C THR A 110 15.29 6.60 -24.37
N PHE A 111 16.13 5.66 -24.82
CA PHE A 111 15.63 4.30 -25.00
C PHE A 111 15.19 3.67 -23.68
N LEU A 112 16.00 3.80 -22.61
CA LEU A 112 15.61 3.25 -21.32
C LEU A 112 14.25 3.80 -20.85
N SER A 113 13.91 5.04 -21.20
CA SER A 113 12.66 5.65 -20.76
C SER A 113 11.44 4.98 -21.37
N THR A 114 11.59 4.25 -22.47
CA THR A 114 10.46 3.53 -23.05
C THR A 114 10.14 2.22 -22.32
N LEU A 115 10.93 1.82 -21.32
CA LEU A 115 10.77 0.50 -20.70
C LEU A 115 9.68 0.53 -19.63
N THR A 116 8.44 0.58 -20.09
CA THR A 116 7.31 0.27 -19.23
C THR A 116 7.29 -1.24 -18.98
N GLU A 117 6.39 -1.65 -18.07
CA GLU A 117 6.10 -3.07 -17.82
C GLU A 117 5.85 -3.79 -19.13
N GLU A 118 4.91 -3.25 -19.93
CA GLU A 118 4.50 -3.88 -21.19
C GLU A 118 5.65 -3.95 -22.19
N ARG A 119 6.43 -2.87 -22.32
CA ARG A 119 7.58 -2.89 -23.21
C ARG A 119 8.62 -3.92 -22.77
N ILE A 120 8.86 -4.02 -21.45
CA ILE A 120 9.79 -5.02 -20.93
C ILE A 120 9.32 -6.44 -21.27
N GLU A 121 8.01 -6.69 -21.16
CA GLU A 121 7.49 -8.02 -21.51
C GLU A 121 7.65 -8.28 -23.00
N GLU A 122 7.42 -7.27 -23.84
CA GLU A 122 7.57 -7.46 -25.27
C GLU A 122 9.02 -7.78 -25.62
N TYR A 123 9.98 -7.05 -25.04
CA TYR A 123 11.39 -7.34 -25.31
C TYR A 123 11.81 -8.70 -24.76
N TYR A 124 11.26 -9.13 -23.63
CA TYR A 124 11.64 -10.42 -23.09
C TYR A 124 11.17 -11.55 -24.00
N GLY A 125 10.06 -11.34 -24.69
CA GLY A 125 9.59 -12.27 -25.69
C GLY A 125 10.29 -12.14 -27.03
N ASP A 126 11.21 -11.19 -27.19
CA ASP A 126 11.93 -10.99 -28.46
C ASP A 126 13.25 -10.30 -28.14
N MET A 127 14.14 -11.02 -27.46
CA MET A 127 15.37 -10.40 -27.00
C MET A 127 16.29 -10.02 -28.14
N SER A 128 16.12 -10.63 -29.32
CA SER A 128 16.90 -10.21 -30.48
C SER A 128 16.57 -8.78 -30.90
N SER A 129 15.29 -8.38 -30.83
CA SER A 129 14.96 -7.00 -31.18
C SER A 129 15.48 -6.03 -30.11
N LEU A 130 15.49 -6.46 -28.85
CA LEU A 130 16.10 -5.64 -27.80
C LEU A 130 17.60 -5.51 -28.01
N TRP A 131 18.25 -6.62 -28.37
CA TRP A 131 19.66 -6.61 -28.76
C TRP A 131 19.93 -5.52 -29.80
N GLY A 132 19.21 -5.56 -30.92
CA GLY A 132 19.43 -4.56 -31.97
C GLY A 132 19.09 -3.15 -31.51
N SER A 133 18.05 -3.00 -30.69
CA SER A 133 17.59 -1.67 -30.29
C SER A 133 18.60 -0.98 -29.39
N ILE A 134 19.19 -1.72 -28.44
CA ILE A 134 20.21 -1.14 -27.56
C ILE A 134 21.42 -0.70 -28.38
N ALA A 135 21.87 -1.55 -29.31
CA ALA A 135 23.04 -1.19 -30.10
C ALA A 135 22.77 0.04 -30.95
N ARG A 136 21.59 0.12 -31.55
CA ARG A 136 21.24 1.28 -32.37
C ARG A 136 21.23 2.55 -31.53
N ALA A 137 20.69 2.48 -30.31
CA ALA A 137 20.66 3.68 -29.48
C ALA A 137 22.08 4.15 -29.16
N LEU A 138 23.01 3.21 -28.99
CA LEU A 138 24.38 3.58 -28.65
C LEU A 138 25.22 3.92 -29.87
N GLY A 139 24.75 3.56 -31.07
CA GLY A 139 25.59 3.68 -32.24
C GLY A 139 26.77 2.73 -32.27
N VAL A 140 26.65 1.55 -31.66
CA VAL A 140 27.72 0.56 -31.65
C VAL A 140 27.23 -0.74 -32.30
N ASP A 141 28.19 -1.63 -32.54
CA ASP A 141 27.90 -2.98 -33.03
C ASP A 141 27.22 -3.79 -31.94
N LYS A 142 26.10 -4.42 -32.28
CA LYS A 142 25.38 -5.25 -31.31
C LYS A 142 26.21 -6.44 -30.84
N GLU A 143 27.24 -6.87 -31.61
CA GLU A 143 28.06 -7.97 -31.15
C GLU A 143 29.08 -7.57 -30.11
N SER A 144 29.15 -6.29 -29.73
CA SER A 144 30.09 -5.84 -28.74
C SER A 144 29.74 -6.43 -27.38
N LYS A 145 30.78 -6.68 -26.59
CA LYS A 145 30.62 -7.38 -25.31
C LYS A 145 29.52 -6.77 -24.45
N THR A 146 29.51 -5.44 -24.29
CA THR A 146 28.59 -4.81 -23.33
C THR A 146 27.16 -4.92 -23.81
N VAL A 147 26.94 -4.83 -25.13
CA VAL A 147 25.57 -4.91 -25.63
C VAL A 147 25.04 -6.34 -25.48
N VAL A 148 25.87 -7.32 -25.80
CA VAL A 148 25.46 -8.73 -25.64
C VAL A 148 25.09 -9.02 -24.19
N PHE A 149 25.93 -8.60 -23.24
CA PHE A 149 25.62 -8.93 -21.86
C PHE A 149 24.60 -7.99 -21.25
N SER A 150 24.35 -6.84 -21.88
CA SER A 150 23.17 -6.08 -21.47
C SER A 150 21.91 -6.88 -21.75
N VAL A 151 21.89 -7.64 -22.84
CA VAL A 151 20.74 -8.51 -23.10
C VAL A 151 20.70 -9.65 -22.08
N LYS A 152 21.87 -10.23 -21.74
CA LYS A 152 21.83 -11.33 -20.76
C LYS A 152 21.29 -10.87 -19.42
N MET A 153 21.75 -9.71 -18.93
CA MET A 153 21.32 -9.25 -17.61
C MET A 153 19.88 -8.76 -17.63
N PHE A 154 19.46 -8.14 -18.74
CA PHE A 154 18.04 -7.90 -18.95
C PHE A 154 17.24 -9.18 -18.77
N GLY A 155 17.72 -10.28 -19.33
CA GLY A 155 17.00 -11.55 -19.20
C GLY A 155 16.91 -12.02 -17.75
N TYR A 156 17.97 -11.78 -16.97
CA TYR A 156 17.92 -12.05 -15.52
C TYR A 156 16.87 -11.18 -14.84
N ALA A 157 16.91 -9.88 -15.12
CA ALA A 157 15.96 -8.94 -14.52
C ALA A 157 14.54 -9.27 -14.94
N ALA A 158 14.33 -9.51 -16.24
CA ALA A 158 12.98 -9.74 -16.74
C ALA A 158 12.39 -11.03 -16.16
N ARG A 159 13.22 -12.07 -15.99
CA ARG A 159 12.66 -13.30 -15.48
C ARG A 159 12.28 -13.16 -14.00
N ILE A 160 13.00 -12.31 -13.26
CA ILE A 160 12.62 -12.00 -11.89
C ILE A 160 11.30 -11.22 -11.86
N VAL A 161 11.20 -10.19 -12.71
CA VAL A 161 10.05 -9.28 -12.72
C VAL A 161 8.80 -9.99 -13.21
N LEU A 162 8.93 -10.78 -14.27
CA LEU A 162 7.78 -11.36 -14.95
C LEU A 162 7.45 -12.77 -14.48
N SER A 163 8.30 -13.37 -13.64
CA SER A 163 8.13 -14.76 -13.21
C SER A 163 7.85 -15.68 -14.39
N THR A 164 8.59 -15.50 -15.49
CA THR A 164 8.54 -16.40 -16.63
C THR A 164 9.96 -16.62 -17.11
N PHE A 165 10.16 -17.65 -17.91
CA PHE A 165 11.51 -18.00 -18.38
C PHE A 165 11.47 -18.12 -19.89
N ASN A 166 12.21 -17.26 -20.58
CA ASN A 166 12.42 -17.36 -22.02
C ASN A 166 13.91 -17.59 -22.23
N PRO A 167 14.31 -18.66 -22.92
CA PRO A 167 15.74 -18.87 -23.20
C PRO A 167 16.32 -17.76 -24.06
N TYR A 168 17.60 -17.51 -23.88
CA TYR A 168 18.31 -16.55 -24.72
C TYR A 168 18.30 -17.01 -26.17
N PRO A 169 18.28 -16.08 -27.13
CA PRO A 169 18.32 -16.49 -28.55
C PRO A 169 19.65 -17.16 -28.87
N MET A 170 19.58 -18.17 -29.75
CA MET A 170 20.80 -18.86 -30.20
C MET A 170 21.73 -17.92 -30.96
N GLU A 171 21.17 -16.95 -31.68
CA GLU A 171 21.96 -16.10 -32.57
C GLU A 171 22.70 -14.97 -31.84
N ILE A 172 22.60 -14.86 -30.52
CA ILE A 172 23.36 -13.87 -29.76
C ILE A 172 24.64 -14.53 -29.30
N PRO A 173 25.80 -14.19 -29.89
CA PRO A 173 27.03 -14.94 -29.62
C PRO A 173 27.86 -14.31 -28.53
N ILE A 174 28.65 -15.13 -27.85
CA ILE A 174 29.69 -14.68 -26.93
C ILE A 174 30.78 -14.01 -27.75
N PRO A 175 31.08 -12.72 -27.54
CA PRO A 175 32.21 -12.10 -28.21
C PRO A 175 33.53 -12.44 -27.52
N GLU A 176 34.61 -12.13 -28.21
CA GLU A 176 35.93 -12.39 -27.64
C GLU A 176 36.32 -11.28 -26.65
N ASP A 177 36.72 -11.67 -25.45
CA ASP A 177 37.39 -10.78 -24.51
C ASP A 177 38.60 -11.47 -23.91
N SER A 178 39.19 -10.87 -22.87
CA SER A 178 40.46 -11.37 -22.33
C SER A 178 40.32 -12.76 -21.74
N ARG A 179 39.26 -12.98 -20.94
CA ARG A 179 39.16 -14.25 -20.23
C ARG A 179 38.60 -15.37 -21.10
N ILE A 180 37.81 -15.05 -22.14
CA ILE A 180 37.39 -16.12 -23.04
C ILE A 180 38.54 -16.54 -23.96
N VAL A 181 39.46 -15.62 -24.29
CA VAL A 181 40.64 -15.98 -25.08
C VAL A 181 41.61 -16.82 -24.25
N LYS A 182 41.87 -16.40 -23.00
CA LYS A 182 42.79 -17.15 -22.14
C LYS A 182 42.32 -18.60 -21.97
N LEU A 183 41.02 -18.80 -21.76
CA LEU A 183 40.51 -20.16 -21.62
C LEU A 183 40.56 -20.91 -22.94
N THR A 184 40.08 -20.28 -24.02
CA THR A 184 39.90 -21.02 -25.27
C THR A 184 41.23 -21.47 -25.87
N LYS A 185 42.29 -20.65 -25.73
CA LYS A 185 43.60 -21.05 -26.25
C LYS A 185 44.10 -22.34 -25.61
N LYS A 186 43.76 -22.59 -24.34
CA LYS A 186 44.15 -23.86 -23.73
C LYS A 186 43.38 -25.03 -24.32
N LEU A 187 42.14 -24.80 -24.76
CA LEU A 187 41.30 -25.88 -25.24
C LEU A 187 41.51 -26.18 -26.71
N THR A 188 41.92 -25.19 -27.50
CA THR A 188 41.92 -25.35 -28.95
C THR A 188 42.76 -24.24 -29.57
N ASN A 189 43.18 -24.50 -30.82
CA ASN A 189 43.79 -23.48 -31.65
C ASN A 189 42.79 -22.80 -32.55
N GLU A 190 41.51 -23.16 -32.45
CA GLU A 190 40.47 -22.54 -33.24
C GLU A 190 40.22 -21.10 -32.75
N LYS A 191 39.70 -20.28 -33.65
CA LYS A 191 39.30 -18.92 -33.29
C LYS A 191 38.22 -18.97 -32.23
N PRO A 192 38.41 -18.30 -31.08
CA PRO A 192 37.44 -18.43 -29.99
C PRO A 192 36.00 -18.10 -30.36
N ARG A 193 35.78 -17.06 -31.16
CA ARG A 193 34.41 -16.68 -31.51
C ARG A 193 33.70 -17.78 -32.27
N LYS A 194 34.37 -18.36 -33.26
CA LYS A 194 33.77 -19.45 -34.04
C LYS A 194 33.66 -20.73 -33.21
N PHE A 195 34.66 -21.01 -32.39
CA PHE A 195 34.66 -22.19 -31.53
C PHE A 195 33.40 -22.26 -30.68
N TRP A 196 33.09 -21.19 -29.96
CA TRP A 196 31.98 -21.27 -29.01
C TRP A 196 30.62 -21.18 -29.69
N MET A 197 30.53 -20.51 -30.84
CA MET A 197 29.27 -20.46 -31.56
C MET A 197 28.90 -21.84 -32.12
N LYS A 198 29.89 -22.56 -32.67
CA LYS A 198 29.63 -23.92 -33.15
C LYS A 198 29.22 -24.83 -31.98
N ILE A 199 29.85 -24.67 -30.82
CA ILE A 199 29.49 -25.48 -29.66
C ILE A 199 28.04 -25.22 -29.26
N ALA A 200 27.61 -23.95 -29.26
CA ALA A 200 26.22 -23.62 -28.98
C ALA A 200 25.28 -24.25 -30.01
N ARG A 201 25.62 -24.16 -31.30
CA ARG A 201 24.71 -24.70 -32.31
C ARG A 201 24.62 -26.22 -32.19
N GLU A 202 25.75 -26.88 -31.96
CA GLU A 202 25.74 -28.34 -31.91
C GLU A 202 25.02 -28.84 -30.67
N SER A 203 25.21 -28.17 -29.54
CA SER A 203 24.64 -28.64 -28.27
C SER A 203 23.17 -28.27 -28.12
N GLY A 204 22.69 -27.24 -28.84
CA GLY A 204 21.37 -26.72 -28.60
C GLY A 204 21.28 -25.73 -27.46
N VAL A 205 22.39 -25.36 -26.84
CA VAL A 205 22.37 -24.43 -25.71
C VAL A 205 22.82 -23.05 -26.20
N PRO A 206 21.96 -22.03 -26.13
CA PRO A 206 22.36 -20.72 -26.62
C PRO A 206 23.65 -20.24 -25.96
N PRO A 207 24.45 -19.45 -26.68
CA PRO A 207 25.74 -18.99 -26.14
C PRO A 207 25.65 -18.28 -24.80
N LEU A 208 24.62 -17.47 -24.57
CA LEU A 208 24.56 -16.77 -23.30
C LEU A 208 24.29 -17.72 -22.14
N HIS A 209 23.63 -18.86 -22.41
CA HIS A 209 23.43 -19.86 -21.37
C HIS A 209 24.71 -20.64 -21.13
N ILE A 210 25.48 -20.90 -22.19
CA ILE A 210 26.80 -21.52 -22.03
C ILE A 210 27.68 -20.65 -21.15
N ASP A 211 27.61 -19.34 -21.34
CA ASP A 211 28.37 -18.43 -20.50
C ASP A 211 28.04 -18.63 -19.02
N SER A 212 26.75 -18.80 -18.69
CA SER A 212 26.38 -19.04 -17.30
C SER A 212 27.04 -20.28 -16.73
N ILE A 213 27.21 -21.33 -17.54
CA ILE A 213 27.84 -22.57 -17.09
C ILE A 213 29.34 -22.39 -16.84
N LEU A 214 30.04 -21.70 -17.74
CA LEU A 214 31.49 -21.80 -17.77
C LEU A 214 32.13 -21.20 -16.52
N TRP A 215 31.78 -19.97 -16.18
CA TRP A 215 32.60 -19.25 -15.22
C TRP A 215 32.49 -19.76 -13.79
N PRO A 216 31.29 -20.09 -13.28
CA PRO A 216 31.26 -20.70 -11.93
C PRO A 216 32.04 -22.00 -11.86
N LEU A 217 31.95 -22.83 -12.91
CA LEU A 217 32.67 -24.09 -12.90
C LEU A 217 34.17 -23.84 -12.92
N LEU A 218 34.64 -22.91 -13.76
CA LEU A 218 36.05 -22.61 -13.80
C LEU A 218 36.52 -21.91 -12.53
N GLY A 219 35.66 -21.12 -11.90
CA GLY A 219 36.10 -20.43 -10.69
C GLY A 219 36.06 -21.25 -9.43
N GLY A 220 35.62 -22.51 -9.52
CA GLY A 220 35.64 -23.40 -8.37
C GLY A 220 34.43 -23.34 -7.49
N ALA A 221 33.32 -22.78 -7.96
CA ALA A 221 32.08 -22.74 -7.18
C ALA A 221 31.57 -24.15 -6.94
N SER A 222 31.04 -24.38 -5.73
CA SER A 222 30.45 -25.67 -5.41
C SER A 222 29.27 -25.97 -6.32
N ILE A 223 29.21 -27.21 -6.81
CA ILE A 223 28.07 -27.71 -7.58
C ILE A 223 27.28 -28.73 -6.78
N ASP A 224 27.52 -28.81 -5.46
CA ASP A 224 26.93 -29.86 -4.65
C ASP A 224 25.41 -29.75 -4.54
N SER A 225 24.86 -28.54 -4.66
CA SER A 225 23.42 -28.37 -4.60
C SER A 225 22.70 -28.83 -5.87
N ALA A 226 23.42 -29.02 -6.97
CA ALA A 226 22.82 -29.55 -8.18
C ALA A 226 22.27 -30.96 -7.90
N PRO A 227 21.16 -31.34 -8.53
CA PRO A 227 20.71 -32.73 -8.39
C PRO A 227 21.73 -33.68 -8.98
N PRO A 228 21.86 -34.89 -8.43
CA PRO A 228 22.99 -35.76 -8.79
C PRO A 228 23.17 -35.97 -10.29
N GLU A 229 22.06 -36.09 -11.04
CA GLU A 229 22.17 -36.28 -12.48
C GLU A 229 22.84 -35.08 -13.15
N LEU A 230 22.46 -33.87 -12.74
CA LEU A 230 23.10 -32.69 -13.28
C LEU A 230 24.50 -32.49 -12.71
N ARG A 231 24.68 -32.81 -11.43
CA ARG A 231 25.99 -32.65 -10.78
C ARG A 231 27.06 -33.44 -11.51
N ASP A 232 26.79 -34.71 -11.82
CA ASP A 232 27.75 -35.55 -12.52
C ASP A 232 28.10 -34.95 -13.88
N LYS A 233 27.12 -34.36 -14.57
CA LYS A 233 27.38 -33.72 -15.85
C LYS A 233 28.31 -32.53 -15.68
N LEU A 234 28.04 -31.66 -14.70
CA LEU A 234 28.92 -30.52 -14.45
C LEU A 234 30.31 -30.98 -14.02
N ALA A 235 30.38 -32.07 -13.25
CA ALA A 235 31.68 -32.61 -12.84
C ALA A 235 32.51 -33.03 -14.06
N GLU A 236 31.89 -33.74 -15.00
CA GLU A 236 32.63 -34.13 -16.19
C GLU A 236 33.07 -32.92 -17.01
N LEU A 237 32.20 -31.92 -17.15
CA LEU A 237 32.59 -30.70 -17.86
C LEU A 237 33.81 -30.06 -17.22
N ILE A 238 33.85 -30.01 -15.88
CA ILE A 238 34.99 -29.45 -15.17
C ILE A 238 36.28 -30.19 -15.54
N LYS A 239 36.22 -31.53 -15.52
CA LYS A 239 37.41 -32.32 -15.87
C LYS A 239 37.87 -32.06 -17.30
N ILE A 240 36.98 -31.62 -18.18
CA ILE A 240 37.30 -31.37 -19.59
C ILE A 240 37.95 -30.00 -19.80
N ILE A 241 37.42 -28.96 -19.16
CA ILE A 241 37.83 -27.59 -19.47
C ILE A 241 38.67 -26.93 -18.39
N ARG A 242 38.79 -27.53 -17.21
CA ARG A 242 39.56 -26.88 -16.14
C ARG A 242 40.98 -27.40 -16.09
N GLY C 1 3.12 -49.98 -7.29
CA GLY C 1 3.22 -48.80 -8.15
C GLY C 1 3.22 -49.18 -9.61
N SER C 2 4.04 -48.50 -10.40
CA SER C 2 4.15 -48.83 -11.82
C SER C 2 5.54 -48.47 -12.34
N HIS C 3 6.30 -49.47 -12.79
CA HIS C 3 7.59 -49.15 -13.41
C HIS C 3 7.39 -48.43 -14.74
N MET C 4 6.32 -48.74 -15.47
CA MET C 4 6.06 -48.06 -16.73
C MET C 4 5.86 -46.57 -16.51
N ILE C 5 4.95 -46.21 -15.60
CA ILE C 5 4.66 -44.79 -15.35
C ILE C 5 5.86 -44.12 -14.68
N ALA C 6 6.46 -44.78 -13.68
CA ALA C 6 7.55 -44.14 -12.94
C ALA C 6 8.75 -43.85 -13.83
N ARG C 7 9.07 -44.75 -14.76
CA ARG C 7 10.21 -44.51 -15.66
C ARG C 7 10.00 -43.24 -16.48
N ILE C 8 8.81 -43.08 -17.09
CA ILE C 8 8.60 -41.93 -17.95
C ILE C 8 8.45 -40.65 -17.13
N ILE C 9 7.87 -40.73 -15.93
CA ILE C 9 7.80 -39.57 -15.05
C ILE C 9 9.20 -39.19 -14.57
N GLY C 10 10.05 -40.19 -14.30
CA GLY C 10 11.43 -39.90 -13.96
C GLY C 10 12.18 -39.23 -15.11
N GLU C 11 11.89 -39.65 -16.35
CA GLU C 11 12.49 -39.00 -17.51
C GLU C 11 11.99 -37.56 -17.66
N ILE C 12 10.69 -37.34 -17.40
CA ILE C 12 10.14 -35.98 -17.39
C ILE C 12 10.76 -35.17 -16.25
N GLY C 13 10.78 -35.74 -15.05
CA GLY C 13 11.54 -35.15 -13.97
C GLY C 13 10.84 -33.95 -13.36
N ILE C 14 11.42 -33.49 -12.25
CA ILE C 14 10.94 -32.25 -11.63
C ILE C 14 10.99 -31.11 -12.62
N GLU C 15 12.03 -31.07 -13.46
CA GLU C 15 12.15 -29.94 -14.39
C GLU C 15 11.07 -29.98 -15.48
N GLY C 16 10.63 -31.17 -15.89
CA GLY C 16 9.49 -31.24 -16.81
C GLY C 16 8.17 -30.88 -16.13
N ALA C 17 8.00 -31.31 -14.87
CA ALA C 17 6.85 -30.86 -14.12
C ALA C 17 6.87 -29.35 -13.96
N ARG C 18 8.05 -28.78 -13.71
CA ARG C 18 8.17 -27.33 -13.55
C ARG C 18 7.83 -26.60 -14.83
N PHE C 19 8.16 -27.16 -15.99
CA PHE C 19 7.78 -26.51 -17.24
C PHE C 19 6.27 -26.43 -17.36
N ILE C 20 5.56 -27.52 -17.06
CA ILE C 20 4.11 -27.50 -17.15
C ILE C 20 3.54 -26.51 -16.15
N GLU C 21 4.10 -26.46 -14.95
CA GLU C 21 3.59 -25.57 -13.93
C GLU C 21 3.70 -24.11 -14.36
N GLU C 22 4.86 -23.73 -14.92
CA GLU C 22 5.12 -22.33 -15.22
C GLU C 22 4.67 -21.92 -16.60
N ASN C 23 4.27 -22.86 -17.45
CA ASN C 23 3.88 -22.52 -18.81
C ASN C 23 2.45 -22.91 -19.16
N ILE C 24 1.91 -23.98 -18.59
CA ILE C 24 0.62 -24.50 -18.99
C ILE C 24 -0.42 -24.42 -17.88
N ASP C 25 -0.02 -24.73 -16.65
CA ASP C 25 -0.91 -24.72 -15.50
C ASP C 25 -1.67 -23.41 -15.42
N GLU C 26 -3.01 -23.50 -15.48
CA GLU C 26 -3.83 -22.30 -15.44
C GLU C 26 -3.92 -21.70 -14.05
N GLN C 27 -3.75 -22.51 -12.99
CA GLN C 27 -3.73 -21.94 -11.66
C GLN C 27 -2.49 -21.08 -11.46
N PHE C 28 -1.34 -21.54 -11.99
CA PHE C 28 -0.13 -20.72 -11.91
C PHE C 28 -0.32 -19.40 -12.65
N LYS C 29 -0.97 -19.44 -13.82
CA LYS C 29 -1.23 -18.19 -14.57
C LYS C 29 -2.10 -17.24 -13.75
N ALA C 30 -3.16 -17.75 -13.12
CA ALA C 30 -4.02 -16.93 -12.28
C ALA C 30 -3.25 -16.30 -11.14
N LEU C 31 -2.35 -17.07 -10.52
CA LEU C 31 -1.56 -16.55 -9.39
C LEU C 31 -0.55 -15.51 -9.84
N ARG C 32 0.04 -15.70 -11.02
CA ARG C 32 0.96 -14.69 -11.55
C ARG C 32 0.23 -13.36 -11.77
N TYR C 33 -0.98 -13.42 -12.34
CA TYR C 33 -1.79 -12.23 -12.55
C TYR C 33 -2.14 -11.56 -11.22
N LEU C 34 -2.65 -12.33 -10.26
CA LEU C 34 -3.01 -11.73 -8.97
C LEU C 34 -1.81 -11.08 -8.30
N SER C 35 -0.63 -11.73 -8.35
CA SER C 35 0.57 -11.18 -7.69
C SER C 35 0.93 -9.79 -8.18
N LYS C 36 0.50 -9.41 -9.39
CA LYS C 36 0.76 -8.06 -9.88
C LYS C 36 -0.24 -7.04 -9.36
N GLY C 37 -1.30 -7.47 -8.64
CA GLY C 37 -2.33 -6.53 -8.23
C GLY C 37 -2.61 -6.49 -6.73
N ILE C 38 -1.71 -7.04 -5.92
CA ILE C 38 -1.84 -6.99 -4.47
C ILE C 38 -0.46 -7.24 -3.87
N ASP C 39 -0.25 -6.79 -2.64
CA ASP C 39 1.06 -6.91 -2.04
C ASP C 39 1.41 -8.37 -1.76
N SER C 40 2.72 -8.64 -1.69
CA SER C 40 3.24 -10.01 -1.64
C SER C 40 2.73 -10.79 -0.45
N GLU C 41 2.64 -10.15 0.71
CA GLU C 41 2.24 -10.88 1.92
C GLU C 41 0.76 -11.22 1.87
N THR C 42 -0.09 -10.23 1.54
CA THR C 42 -1.51 -10.49 1.36
C THR C 42 -1.75 -11.53 0.28
N PHE C 43 -1.01 -11.44 -0.82
CA PHE C 43 -1.09 -12.40 -1.90
C PHE C 43 -0.94 -13.83 -1.37
N VAL C 44 0.13 -14.08 -0.61
CA VAL C 44 0.39 -15.43 -0.13
C VAL C 44 -0.70 -15.85 0.86
N LYS C 45 -1.14 -14.91 1.72
CA LYS C 45 -2.19 -15.20 2.68
C LYS C 45 -3.47 -15.62 1.96
N LEU C 46 -3.82 -14.90 0.89
CA LEU C 46 -5.06 -15.20 0.17
C LEU C 46 -4.97 -16.54 -0.56
N VAL C 47 -3.81 -16.88 -1.12
CA VAL C 47 -3.69 -18.15 -1.81
C VAL C 47 -3.93 -19.31 -0.86
N ILE C 48 -3.34 -19.26 0.34
CA ILE C 48 -3.56 -20.31 1.32
C ILE C 48 -5.03 -20.36 1.73
N ALA C 49 -5.59 -19.21 2.12
CA ALA C 49 -7.01 -19.17 2.45
C ALA C 49 -7.86 -19.74 1.33
N ASN C 50 -7.58 -19.32 0.08
CA ASN C 50 -8.34 -19.83 -1.05
C ASN C 50 -8.24 -21.35 -1.18
N SER C 51 -7.02 -21.89 -1.03
CA SER C 51 -6.83 -23.33 -1.13
C SER C 51 -7.66 -24.07 -0.08
N LEU C 52 -7.76 -23.50 1.13
CA LEU C 52 -8.49 -24.18 2.20
C LEU C 52 -9.99 -24.19 1.98
N VAL C 53 -10.53 -23.37 1.06
CA VAL C 53 -11.95 -23.39 0.73
C VAL C 53 -12.18 -23.90 -0.69
N SER C 54 -11.14 -24.34 -1.38
CA SER C 54 -11.24 -24.83 -2.76
C SER C 54 -11.52 -26.32 -2.73
N TYR C 55 -12.79 -26.66 -2.54
CA TYR C 55 -13.23 -28.05 -2.59
C TYR C 55 -14.74 -28.05 -2.82
N GLN C 56 -15.22 -29.10 -3.48
CA GLN C 56 -16.65 -29.19 -3.81
C GLN C 56 -17.11 -27.92 -4.53
N LEU C 57 -16.34 -27.53 -5.54
CA LEU C 57 -16.61 -26.29 -6.26
C LEU C 57 -17.90 -26.40 -7.07
N THR C 58 -18.53 -25.25 -7.31
CA THR C 58 -19.64 -25.18 -8.27
C THR C 58 -19.11 -24.80 -9.65
N GLY C 59 -18.06 -25.51 -10.07
CA GLY C 59 -17.33 -25.22 -11.29
C GLY C 59 -16.04 -26.01 -11.32
N LYS C 60 -15.23 -25.73 -12.34
CA LYS C 60 -13.93 -26.41 -12.47
C LYS C 60 -12.84 -25.58 -11.83
N GLY C 61 -11.78 -26.28 -11.37
CA GLY C 61 -10.72 -25.62 -10.62
C GLY C 61 -10.08 -24.45 -11.36
N GLU C 62 -9.84 -24.61 -12.66
CA GLU C 62 -9.21 -23.55 -13.43
C GLU C 62 -10.08 -22.29 -13.46
N GLN C 63 -11.38 -22.46 -13.70
CA GLN C 63 -12.33 -21.35 -13.69
C GLN C 63 -12.30 -20.63 -12.35
N TRP C 64 -12.34 -21.41 -11.26
CA TRP C 64 -12.48 -20.86 -9.91
C TRP C 64 -11.24 -20.06 -9.52
N TRP C 65 -10.05 -20.59 -9.81
CA TRP C 65 -8.82 -19.89 -9.44
C TRP C 65 -8.65 -18.59 -10.20
N TRP C 66 -9.13 -18.56 -11.46
CA TRP C 66 -9.19 -17.31 -12.21
C TRP C 66 -10.25 -16.36 -11.63
N GLU C 67 -11.38 -16.90 -11.15
CA GLU C 67 -12.37 -16.04 -10.53
C GLU C 67 -11.80 -15.40 -9.27
N PHE C 68 -11.09 -16.21 -8.47
CA PHE C 68 -10.41 -15.73 -7.28
C PHE C 68 -9.38 -14.66 -7.61
N ALA C 69 -8.57 -14.88 -8.65
CA ALA C 69 -7.53 -13.93 -9.03
C ALA C 69 -8.15 -12.62 -9.52
N LYS C 70 -9.15 -12.70 -10.39
CA LYS C 70 -9.82 -11.50 -10.89
C LYS C 70 -10.49 -10.72 -9.77
N TYR C 71 -11.02 -11.42 -8.75
CA TYR C 71 -11.74 -10.75 -7.69
C TYR C 71 -10.80 -9.90 -6.82
N PHE C 72 -9.64 -10.43 -6.47
CA PHE C 72 -8.78 -9.76 -5.50
C PHE C 72 -7.78 -8.79 -6.12
N TYR C 73 -7.61 -8.83 -7.44
CA TYR C 73 -6.68 -7.94 -8.12
C TYR C 73 -7.08 -6.50 -7.87
N GLY C 74 -6.17 -5.71 -7.29
CA GLY C 74 -6.51 -4.32 -7.04
C GLY C 74 -7.42 -4.08 -5.87
N ARG C 75 -7.77 -5.13 -5.12
CA ARG C 75 -8.71 -5.00 -4.00
C ARG C 75 -7.96 -4.66 -2.72
N ASP C 76 -8.58 -3.83 -1.90
CA ASP C 76 -8.04 -3.47 -0.58
C ASP C 76 -8.53 -4.53 0.41
N VAL C 77 -7.63 -5.42 0.81
CA VAL C 77 -7.99 -6.55 1.68
C VAL C 77 -7.44 -6.26 3.06
N LYS C 78 -8.31 -6.24 4.06
CA LYS C 78 -7.88 -6.14 5.44
C LYS C 78 -8.22 -7.47 6.11
N SER C 79 -9.43 -7.62 6.63
CA SER C 79 -9.82 -8.91 7.19
C SER C 79 -10.05 -9.92 6.07
N ILE C 80 -9.39 -11.07 6.17
CA ILE C 80 -9.57 -12.10 5.16
C ILE C 80 -10.90 -12.82 5.35
N TYR C 81 -11.38 -12.95 6.60
CA TYR C 81 -12.70 -13.52 6.82
C TYR C 81 -13.76 -12.66 6.18
N LEU C 82 -13.68 -11.34 6.41
CA LEU C 82 -14.65 -10.42 5.84
C LEU C 82 -14.61 -10.47 4.32
N ALA C 83 -13.39 -10.47 3.73
CA ALA C 83 -13.27 -10.58 2.28
C ALA C 83 -13.96 -11.84 1.75
N TYR C 84 -13.72 -13.00 2.38
CA TYR C 84 -14.34 -14.23 1.89
C TYR C 84 -15.83 -14.27 2.20
N LYS C 85 -16.26 -13.69 3.31
CA LYS C 85 -17.68 -13.60 3.63
C LYS C 85 -18.45 -12.86 2.53
N GLU C 86 -17.83 -11.86 1.89
CA GLU C 86 -18.46 -11.18 0.76
C GLU C 86 -18.24 -11.89 -0.57
N PHE C 87 -17.07 -12.53 -0.75
CA PHE C 87 -16.71 -13.14 -2.04
C PHE C 87 -17.54 -14.39 -2.35
N LEU C 88 -17.52 -15.39 -1.45
CA LEU C 88 -18.12 -16.69 -1.75
C LEU C 88 -19.59 -16.63 -2.14
N PRO C 89 -20.49 -16.01 -1.36
CA PRO C 89 -21.92 -16.06 -1.73
C PRO C 89 -22.20 -15.42 -3.09
N ASN C 90 -21.38 -14.48 -3.51
CA ASN C 90 -21.59 -13.84 -4.80
C ASN C 90 -20.73 -14.46 -5.90
N SER C 91 -19.99 -15.52 -5.60
CA SER C 91 -19.16 -16.13 -6.62
C SER C 91 -20.02 -17.01 -7.54
N ARG C 92 -19.44 -17.35 -8.68
CA ARG C 92 -20.00 -18.35 -9.58
C ARG C 92 -19.56 -19.77 -9.21
N PHE C 93 -18.28 -19.97 -8.87
CA PHE C 93 -17.65 -21.28 -8.86
C PHE C 93 -17.35 -21.82 -7.46
N ASN C 94 -17.76 -21.13 -6.40
CA ASN C 94 -17.57 -21.68 -5.05
C ASN C 94 -18.75 -21.32 -4.14
N ARG C 95 -19.94 -21.83 -4.48
CA ARG C 95 -21.16 -21.50 -3.77
C ARG C 95 -21.66 -22.59 -2.82
N ARG C 96 -20.95 -23.71 -2.68
CA ARG C 96 -21.39 -24.79 -1.82
C ARG C 96 -20.60 -24.79 -0.52
N LEU C 97 -21.27 -25.17 0.59
CA LEU C 97 -20.60 -25.34 1.89
C LEU C 97 -19.95 -24.03 2.36
N ILE C 98 -20.61 -22.92 2.10
CA ILE C 98 -20.06 -21.63 2.48
C ILE C 98 -19.92 -21.52 4.01
N PRO C 99 -20.94 -21.87 4.82
CA PRO C 99 -20.76 -21.73 6.27
C PRO C 99 -19.60 -22.56 6.82
N GLN C 100 -19.44 -23.78 6.35
CA GLN C 100 -18.29 -24.57 6.77
C GLN C 100 -16.97 -23.94 6.30
N LYS C 101 -16.95 -23.43 5.06
CA LYS C 101 -15.71 -22.84 4.53
C LYS C 101 -15.33 -21.56 5.28
N LEU C 102 -16.30 -20.69 5.57
CA LEU C 102 -15.98 -19.46 6.31
C LEU C 102 -15.45 -19.78 7.70
N SER C 103 -16.00 -20.80 8.36
CA SER C 103 -15.50 -21.22 9.67
C SER C 103 -14.05 -21.69 9.59
N ARG C 104 -13.67 -22.36 8.51
CA ARG C 104 -12.28 -22.76 8.36
C ARG C 104 -11.37 -21.55 8.18
N ILE C 105 -11.82 -20.54 7.45
CA ILE C 105 -11.02 -19.32 7.28
C ILE C 105 -10.81 -18.63 8.62
N ARG C 106 -11.84 -18.57 9.46
CA ARG C 106 -11.68 -17.93 10.76
C ARG C 106 -10.69 -18.68 11.64
N ARG C 107 -10.68 -20.01 11.57
CA ARG C 107 -9.77 -20.81 12.37
C ARG C 107 -8.32 -20.68 11.91
N VAL C 108 -8.09 -20.29 10.65
CA VAL C 108 -6.73 -20.17 10.15
C VAL C 108 -6.23 -18.73 10.14
N GLU C 109 -7.09 -17.76 10.50
CA GLU C 109 -6.69 -16.36 10.37
C GLU C 109 -5.46 -16.02 11.22
N THR C 110 -5.35 -16.61 12.40
CA THR C 110 -4.20 -16.34 13.26
C THR C 110 -2.91 -16.79 12.61
N PHE C 111 -2.91 -18.00 12.04
CA PHE C 111 -1.71 -18.47 11.36
C PHE C 111 -1.39 -17.59 10.15
N LEU C 112 -2.39 -17.24 9.34
CA LEU C 112 -2.11 -16.40 8.18
C LEU C 112 -1.51 -15.07 8.59
N SER C 113 -1.89 -14.56 9.77
CA SER C 113 -1.36 -13.30 10.27
C SER C 113 0.14 -13.34 10.55
N THR C 114 0.72 -14.53 10.70
CA THR C 114 2.15 -14.64 10.93
C THR C 114 2.97 -14.59 9.64
N LEU C 115 2.33 -14.53 8.47
CA LEU C 115 3.04 -14.68 7.17
C LEU C 115 3.59 -13.33 6.71
N THR C 116 4.65 -12.91 7.38
CA THR C 116 5.50 -11.88 6.83
C THR C 116 6.34 -12.46 5.69
N GLU C 117 7.01 -11.59 4.93
CA GLU C 117 7.83 -12.13 3.85
C GLU C 117 8.97 -12.98 4.40
N GLU C 118 9.52 -12.61 5.57
CA GLU C 118 10.53 -13.46 6.21
C GLU C 118 9.96 -14.84 6.52
N ARG C 119 8.76 -14.89 7.11
CA ARG C 119 8.14 -16.18 7.45
C ARG C 119 7.77 -16.96 6.19
N ILE C 120 7.22 -16.27 5.17
CA ILE C 120 6.95 -16.93 3.90
C ILE C 120 8.22 -17.56 3.33
N GLU C 121 9.35 -16.86 3.43
CA GLU C 121 10.62 -17.40 2.92
C GLU C 121 11.06 -18.62 3.73
N GLU C 122 10.89 -18.59 5.05
CA GLU C 122 11.23 -19.74 5.87
C GLU C 122 10.37 -20.96 5.51
N TYR C 123 9.07 -20.75 5.37
CA TYR C 123 8.19 -21.87 5.02
C TYR C 123 8.46 -22.41 3.62
N TYR C 124 8.81 -21.55 2.66
CA TYR C 124 9.14 -22.08 1.35
C TYR C 124 10.40 -22.93 1.38
N GLY C 125 11.32 -22.62 2.30
CA GLY C 125 12.48 -23.50 2.52
C GLY C 125 12.19 -24.74 3.34
N ASP C 126 10.98 -24.87 3.91
CA ASP C 126 10.67 -26.02 4.74
C ASP C 126 9.16 -26.26 4.61
N MET C 127 8.73 -26.68 3.41
CA MET C 127 7.31 -26.79 3.16
C MET C 127 6.65 -27.89 4.00
N SER C 128 7.44 -28.88 4.44
CA SER C 128 6.93 -29.89 5.35
C SER C 128 6.48 -29.27 6.67
N SER C 129 7.23 -28.27 7.16
CA SER C 129 6.82 -27.61 8.40
C SER C 129 5.55 -26.80 8.20
N LEU C 130 5.44 -26.10 7.07
CA LEU C 130 4.21 -25.37 6.76
C LEU C 130 3.03 -26.33 6.66
N TRP C 131 3.26 -27.50 6.04
CA TRP C 131 2.22 -28.51 5.90
C TRP C 131 1.62 -28.91 7.24
N GLY C 132 2.45 -29.18 8.24
CA GLY C 132 1.92 -29.52 9.55
C GLY C 132 1.34 -28.34 10.31
N SER C 133 1.88 -27.14 10.08
CA SER C 133 1.37 -25.95 10.77
C SER C 133 -0.04 -25.58 10.30
N ILE C 134 -0.29 -25.68 8.99
CA ILE C 134 -1.63 -25.39 8.49
C ILE C 134 -2.61 -26.42 9.04
N ALA C 135 -2.26 -27.71 8.97
CA ALA C 135 -3.14 -28.73 9.52
C ALA C 135 -3.43 -28.49 11.00
N ARG C 136 -2.40 -28.17 11.78
CA ARG C 136 -2.59 -27.95 13.22
C ARG C 136 -3.49 -26.75 13.49
N ALA C 137 -3.36 -25.69 12.69
CA ALA C 137 -4.24 -24.53 12.85
C ALA C 137 -5.71 -24.91 12.67
N LEU C 138 -6.01 -25.71 11.64
CA LEU C 138 -7.39 -26.12 11.38
C LEU C 138 -7.84 -27.29 12.24
N GLY C 139 -6.92 -27.97 12.92
CA GLY C 139 -7.29 -29.16 13.66
C GLY C 139 -7.66 -30.34 12.79
N VAL C 140 -7.03 -30.47 11.62
CA VAL C 140 -7.34 -31.54 10.68
C VAL C 140 -6.06 -32.32 10.39
N ASP C 141 -6.24 -33.44 9.69
CA ASP C 141 -5.11 -34.26 9.27
C ASP C 141 -4.42 -33.61 8.07
N LYS C 142 -3.10 -33.51 8.13
CA LYS C 142 -2.36 -32.84 7.07
C LYS C 142 -2.47 -33.57 5.73
N GLU C 143 -2.82 -34.85 5.74
CA GLU C 143 -3.04 -35.59 4.50
C GLU C 143 -4.36 -35.26 3.80
N SER C 144 -5.23 -34.47 4.42
CA SER C 144 -6.47 -34.08 3.77
C SER C 144 -6.19 -33.22 2.55
N LYS C 145 -7.05 -33.37 1.53
CA LYS C 145 -6.74 -32.79 0.22
C LYS C 145 -6.49 -31.29 0.29
N THR C 146 -7.33 -30.55 1.02
CA THR C 146 -7.20 -29.10 0.99
C THR C 146 -5.93 -28.62 1.65
N VAL C 147 -5.44 -29.36 2.65
CA VAL C 147 -4.19 -28.97 3.31
C VAL C 147 -3.00 -29.28 2.41
N VAL C 148 -3.00 -30.46 1.78
CA VAL C 148 -1.93 -30.79 0.84
C VAL C 148 -1.86 -29.76 -0.29
N PHE C 149 -3.01 -29.42 -0.89
CA PHE C 149 -2.91 -28.50 -2.01
C PHE C 149 -2.80 -27.06 -1.56
N SER C 150 -3.08 -26.77 -0.29
CA SER C 150 -2.69 -25.46 0.22
C SER C 150 -1.17 -25.31 0.18
N VAL C 151 -0.42 -26.39 0.47
CA VAL C 151 1.02 -26.29 0.36
C VAL C 151 1.44 -26.15 -1.10
N LYS C 152 0.77 -26.86 -2.01
CA LYS C 152 1.14 -26.74 -3.42
C LYS C 152 0.92 -25.33 -3.95
N MET C 153 -0.23 -24.72 -3.61
CA MET C 153 -0.52 -23.38 -4.13
C MET C 153 0.37 -22.36 -3.45
N PHE C 154 0.68 -22.57 -2.16
CA PHE C 154 1.68 -21.76 -1.49
C PHE C 154 3.00 -21.76 -2.26
N GLY C 155 3.41 -22.93 -2.76
CA GLY C 155 4.67 -23.00 -3.49
C GLY C 155 4.64 -22.25 -4.82
N TYR C 156 3.50 -22.29 -5.52
CA TYR C 156 3.32 -21.44 -6.69
C TYR C 156 3.49 -19.97 -6.33
N ALA C 157 2.80 -19.54 -5.27
CA ALA C 157 2.84 -18.14 -4.85
C ALA C 157 4.24 -17.76 -4.39
N ALA C 158 4.85 -18.61 -3.56
CA ALA C 158 6.20 -18.32 -3.05
C ALA C 158 7.23 -18.28 -4.19
N ARG C 159 7.13 -19.23 -5.13
CA ARG C 159 7.99 -19.21 -6.32
C ARG C 159 7.90 -17.85 -7.03
N ILE C 160 6.70 -17.32 -7.14
CA ILE C 160 6.48 -16.03 -7.80
C ILE C 160 7.10 -14.91 -6.98
N VAL C 161 6.79 -14.84 -5.68
CA VAL C 161 7.21 -13.66 -4.94
C VAL C 161 8.71 -13.67 -4.68
N LEU C 162 9.31 -14.87 -4.51
CA LEU C 162 10.70 -14.98 -4.10
C LEU C 162 11.65 -15.21 -5.25
N SER C 163 11.16 -15.50 -6.45
CA SER C 163 12.01 -15.73 -7.62
C SER C 163 13.07 -16.79 -7.33
N THR C 164 12.70 -17.80 -6.54
CA THR C 164 13.48 -19.00 -6.32
C THR C 164 12.57 -20.20 -6.54
N PHE C 165 13.17 -21.38 -6.72
CA PHE C 165 12.39 -22.59 -6.93
C PHE C 165 12.90 -23.66 -5.97
N ASN C 166 12.04 -24.07 -5.02
CA ASN C 166 12.30 -25.24 -4.20
C ASN C 166 11.30 -26.32 -4.57
N PRO C 167 11.74 -27.53 -4.90
CA PRO C 167 10.79 -28.61 -5.20
C PRO C 167 9.97 -29.00 -3.97
N TYR C 168 8.74 -29.45 -4.24
CA TYR C 168 7.87 -29.92 -3.17
C TYR C 168 8.50 -31.11 -2.46
N PRO C 169 8.22 -31.29 -1.17
CA PRO C 169 8.75 -32.45 -0.46
C PRO C 169 8.20 -33.76 -1.02
N MET C 170 9.07 -34.78 -1.05
CA MET C 170 8.65 -36.10 -1.48
C MET C 170 7.59 -36.69 -0.55
N GLU C 171 7.64 -36.35 0.75
CA GLU C 171 6.74 -36.99 1.71
C GLU C 171 5.34 -36.42 1.72
N ILE C 172 5.03 -35.38 0.94
CA ILE C 172 3.68 -34.84 0.88
C ILE C 172 2.95 -35.57 -0.25
N PRO C 173 1.97 -36.42 0.07
CA PRO C 173 1.39 -37.32 -0.93
C PRO C 173 0.21 -36.70 -1.66
N ILE C 174 -0.15 -37.31 -2.78
CA ILE C 174 -1.41 -37.06 -3.46
C ILE C 174 -2.49 -37.81 -2.70
N PRO C 175 -3.50 -37.13 -2.15
CA PRO C 175 -4.59 -37.84 -1.48
C PRO C 175 -5.64 -38.32 -2.47
N GLU C 176 -6.43 -39.31 -2.03
CA GLU C 176 -7.49 -39.86 -2.86
C GLU C 176 -8.66 -38.88 -2.92
N ASP C 177 -9.02 -38.47 -4.14
CA ASP C 177 -10.27 -37.77 -4.41
C ASP C 177 -10.93 -38.44 -5.62
N SER C 178 -12.07 -37.88 -6.04
CA SER C 178 -12.91 -38.54 -7.05
C SER C 178 -12.18 -38.71 -8.38
N ARG C 179 -11.50 -37.67 -8.84
CA ARG C 179 -10.88 -37.77 -10.17
C ARG C 179 -9.58 -38.56 -10.16
N ILE C 180 -8.85 -38.60 -9.03
CA ILE C 180 -7.69 -39.46 -9.00
C ILE C 180 -8.10 -40.93 -8.85
N VAL C 181 -9.21 -41.20 -8.15
CA VAL C 181 -9.71 -42.58 -8.06
C VAL C 181 -10.24 -43.06 -9.41
N LYS C 182 -11.00 -42.20 -10.11
CA LYS C 182 -11.53 -42.56 -11.42
C LYS C 182 -10.41 -42.85 -12.41
N LEU C 183 -9.33 -42.07 -12.36
CA LEU C 183 -8.22 -42.33 -13.26
C LEU C 183 -7.48 -43.59 -12.86
N THR C 184 -7.16 -43.73 -11.57
CA THR C 184 -6.29 -44.83 -11.14
C THR C 184 -6.95 -46.19 -11.30
N LYS C 185 -8.26 -46.30 -11.07
CA LYS C 185 -8.94 -47.57 -11.29
C LYS C 185 -8.77 -48.07 -12.72
N LYS C 186 -8.66 -47.16 -13.68
CA LYS C 186 -8.43 -47.56 -15.06
C LYS C 186 -7.02 -48.08 -15.28
N LEU C 187 -6.06 -47.59 -14.49
CA LEU C 187 -4.66 -47.95 -14.69
C LEU C 187 -4.27 -49.21 -13.92
N THR C 188 -4.89 -49.47 -12.78
CA THR C 188 -4.40 -50.51 -11.89
C THR C 188 -5.49 -50.87 -10.88
N ASN C 189 -5.33 -52.05 -10.29
CA ASN C 189 -6.14 -52.48 -9.17
C ASN C 189 -5.53 -52.11 -7.83
N GLU C 190 -4.39 -51.43 -7.81
CA GLU C 190 -3.82 -50.97 -6.55
C GLU C 190 -4.65 -49.81 -5.98
N LYS C 191 -4.57 -49.66 -4.65
CA LYS C 191 -5.14 -48.48 -4.00
C LYS C 191 -4.43 -47.22 -4.50
N PRO C 192 -5.18 -46.19 -4.89
CA PRO C 192 -4.54 -45.02 -5.53
C PRO C 192 -3.53 -44.30 -4.65
N ARG C 193 -3.75 -44.25 -3.33
CA ARG C 193 -2.81 -43.56 -2.44
C ARG C 193 -1.43 -44.21 -2.51
N LYS C 194 -1.38 -45.54 -2.32
CA LYS C 194 -0.11 -46.25 -2.37
C LYS C 194 0.48 -46.27 -3.78
N PHE C 195 -0.38 -46.34 -4.80
CA PHE C 195 0.07 -46.45 -6.18
C PHE C 195 0.89 -45.23 -6.57
N TRP C 196 0.35 -44.03 -6.35
CA TRP C 196 1.05 -42.82 -6.78
C TRP C 196 2.22 -42.48 -5.87
N MET C 197 2.14 -42.86 -4.58
CA MET C 197 3.27 -42.63 -3.69
C MET C 197 4.48 -43.46 -4.11
N LYS C 198 4.25 -44.74 -4.43
CA LYS C 198 5.35 -45.58 -4.89
C LYS C 198 5.92 -45.06 -6.20
N ILE C 199 5.05 -44.60 -7.11
CA ILE C 199 5.51 -44.04 -8.38
C ILE C 199 6.38 -42.81 -8.13
N ALA C 200 5.97 -41.94 -7.21
CA ALA C 200 6.79 -40.77 -6.88
C ALA C 200 8.15 -41.19 -6.34
N ARG C 201 8.17 -42.20 -5.47
CA ARG C 201 9.44 -42.62 -4.88
C ARG C 201 10.35 -43.25 -5.91
N GLU C 202 9.77 -44.02 -6.83
CA GLU C 202 10.60 -44.69 -7.83
C GLU C 202 11.12 -43.69 -8.86
N SER C 203 10.29 -42.74 -9.26
CA SER C 203 10.68 -41.78 -10.28
C SER C 203 11.56 -40.67 -9.73
N GLY C 204 11.51 -40.41 -8.43
CA GLY C 204 12.19 -39.26 -7.87
C GLY C 204 11.48 -37.94 -8.05
N VAL C 205 10.26 -37.94 -8.56
CA VAL C 205 9.46 -36.73 -8.75
C VAL C 205 8.42 -36.67 -7.63
N PRO C 206 8.45 -35.65 -6.76
CA PRO C 206 7.52 -35.62 -5.63
C PRO C 206 6.08 -35.66 -6.10
N PRO C 207 5.18 -36.23 -5.28
CA PRO C 207 3.75 -36.31 -5.68
C PRO C 207 3.13 -35.00 -6.15
N LEU C 208 3.41 -33.88 -5.48
CA LEU C 208 2.77 -32.63 -5.91
C LEU C 208 3.24 -32.21 -7.30
N HIS C 209 4.46 -32.58 -7.70
CA HIS C 209 4.92 -32.29 -9.06
C HIS C 209 4.30 -33.27 -10.08
N ILE C 210 4.07 -34.52 -9.68
CA ILE C 210 3.34 -35.45 -10.54
C ILE C 210 1.94 -34.94 -10.80
N ASP C 211 1.28 -34.41 -9.77
CA ASP C 211 -0.05 -33.84 -9.93
C ASP C 211 -0.06 -32.78 -11.02
N SER C 212 0.95 -31.90 -11.04
CA SER C 212 1.07 -30.91 -12.10
C SER C 212 1.12 -31.53 -13.49
N ILE C 213 1.78 -32.69 -13.63
CA ILE C 213 1.90 -33.33 -14.94
C ILE C 213 0.57 -33.93 -15.38
N LEU C 214 -0.15 -34.58 -14.47
CA LEU C 214 -1.23 -35.49 -14.85
C LEU C 214 -2.38 -34.76 -15.54
N TRP C 215 -2.92 -33.72 -14.88
CA TRP C 215 -4.23 -33.22 -15.28
C TRP C 215 -4.19 -32.41 -16.59
N PRO C 216 -3.15 -31.59 -16.85
CA PRO C 216 -3.10 -30.97 -18.18
C PRO C 216 -2.99 -32.00 -19.29
N LEU C 217 -2.18 -33.05 -19.11
CA LEU C 217 -2.04 -34.06 -20.14
C LEU C 217 -3.35 -34.79 -20.37
N LEU C 218 -4.00 -35.23 -19.29
CA LEU C 218 -5.27 -35.92 -19.41
C LEU C 218 -6.36 -35.00 -19.94
N GLY C 219 -6.28 -33.70 -19.64
CA GLY C 219 -7.26 -32.77 -20.15
C GLY C 219 -7.04 -32.30 -21.57
N GLY C 220 -6.08 -32.88 -22.28
CA GLY C 220 -5.88 -32.54 -23.67
C GLY C 220 -5.21 -31.21 -23.94
N ALA C 221 -4.48 -30.67 -22.97
CA ALA C 221 -3.81 -29.39 -23.16
C ALA C 221 -2.63 -29.56 -24.12
N SER C 222 -2.40 -28.54 -24.94
CA SER C 222 -1.30 -28.61 -25.91
C SER C 222 0.04 -28.66 -25.19
N ILE C 223 0.90 -29.58 -25.60
CA ILE C 223 2.26 -29.67 -25.11
C ILE C 223 3.27 -29.23 -26.17
N ASP C 224 2.79 -28.54 -27.21
CA ASP C 224 3.63 -28.16 -28.33
C ASP C 224 4.73 -27.17 -27.93
N SER C 225 4.50 -26.36 -26.89
CA SER C 225 5.52 -25.41 -26.47
C SER C 225 6.67 -26.07 -25.72
N ALA C 226 6.49 -27.31 -25.27
CA ALA C 226 7.59 -28.00 -24.60
C ALA C 226 8.72 -28.25 -25.60
N PRO C 227 9.98 -28.15 -25.16
CA PRO C 227 11.07 -28.49 -26.07
C PRO C 227 10.97 -29.93 -26.51
N PRO C 228 11.44 -30.26 -27.73
CA PRO C 228 11.13 -31.58 -28.31
C PRO C 228 11.48 -32.76 -27.41
N GLU C 229 12.60 -32.71 -26.68
CA GLU C 229 12.98 -33.84 -25.85
C GLU C 229 11.97 -34.05 -24.74
N LEU C 230 11.51 -32.95 -24.13
CA LEU C 230 10.48 -33.06 -23.10
C LEU C 230 9.12 -33.40 -23.72
N ARG C 231 8.78 -32.77 -24.84
CA ARG C 231 7.52 -33.03 -25.51
C ARG C 231 7.34 -34.52 -25.82
N ASP C 232 8.39 -35.18 -26.33
CA ASP C 232 8.27 -36.60 -26.66
C ASP C 232 8.00 -37.45 -25.41
N LYS C 233 8.61 -37.09 -24.28
CA LYS C 233 8.33 -37.79 -23.04
C LYS C 233 6.87 -37.60 -22.62
N LEU C 234 6.39 -36.37 -22.68
CA LEU C 234 4.98 -36.12 -22.35
C LEU C 234 4.05 -36.84 -23.32
N ALA C 235 4.44 -36.93 -24.59
CA ALA C 235 3.64 -37.66 -25.58
C ALA C 235 3.48 -39.14 -25.20
N GLU C 236 4.58 -39.77 -24.78
CA GLU C 236 4.50 -41.18 -24.38
C GLU C 236 3.68 -41.36 -23.10
N LEU C 237 3.83 -40.45 -22.13
CA LEU C 237 3.01 -40.58 -20.93
C LEU C 237 1.53 -40.53 -21.28
N ILE C 238 1.14 -39.64 -22.21
CA ILE C 238 -0.25 -39.58 -22.66
C ILE C 238 -0.69 -40.92 -23.21
N LYS C 239 0.16 -41.56 -24.03
CA LYS C 239 -0.20 -42.87 -24.58
C LYS C 239 -0.32 -43.94 -23.51
N ILE C 240 0.31 -43.76 -22.35
CA ILE C 240 0.24 -44.75 -21.28
C ILE C 240 -1.02 -44.59 -20.45
N ILE C 241 -1.37 -43.35 -20.07
CA ILE C 241 -2.38 -43.11 -19.06
C ILE C 241 -3.71 -42.61 -19.63
N ARG C 242 -3.74 -42.06 -20.84
CA ARG C 242 -4.97 -41.46 -21.34
C ARG C 242 -5.85 -42.52 -21.97
N GLY E 1 -10.64 52.06 11.06
CA GLY E 1 -11.83 51.49 10.45
C GLY E 1 -11.53 50.51 9.34
N SER E 2 -12.46 49.58 9.10
CA SER E 2 -12.30 48.60 8.03
C SER E 2 -12.36 49.23 6.65
N HIS E 3 -13.00 50.38 6.49
CA HIS E 3 -13.03 51.01 5.18
C HIS E 3 -11.66 51.59 4.81
N MET E 4 -10.83 51.90 5.80
CA MET E 4 -9.46 52.30 5.51
C MET E 4 -8.65 51.12 4.96
N ILE E 5 -8.98 49.90 5.40
CA ILE E 5 -8.34 48.70 4.83
C ILE E 5 -8.70 48.56 3.36
N ALA E 6 -9.96 48.80 3.01
CA ALA E 6 -10.39 48.72 1.61
C ALA E 6 -9.70 49.78 0.75
N ARG E 7 -9.55 50.99 1.28
CA ARG E 7 -8.86 52.03 0.52
C ARG E 7 -7.40 51.65 0.27
N ILE E 8 -6.70 51.17 1.30
CA ILE E 8 -5.28 50.83 1.16
C ILE E 8 -5.11 49.62 0.26
N ILE E 9 -5.95 48.60 0.43
CA ILE E 9 -5.92 47.45 -0.47
C ILE E 9 -6.24 47.88 -1.89
N GLY E 10 -7.15 48.83 -2.06
CA GLY E 10 -7.41 49.38 -3.37
C GLY E 10 -6.19 50.06 -3.98
N GLU E 11 -5.45 50.81 -3.15
CA GLU E 11 -4.23 51.47 -3.62
C GLU E 11 -3.14 50.44 -3.97
N ILE E 12 -2.97 49.41 -3.15
CA ILE E 12 -2.05 48.33 -3.49
C ILE E 12 -2.45 47.68 -4.80
N GLY E 13 -3.74 47.36 -4.93
CA GLY E 13 -4.31 46.92 -6.20
C GLY E 13 -3.91 45.51 -6.59
N ILE E 14 -4.37 45.13 -7.78
CA ILE E 14 -3.94 43.87 -8.36
C ILE E 14 -2.43 43.86 -8.64
N GLU E 15 -1.81 45.00 -9.01
CA GLU E 15 -0.37 45.00 -9.25
C GLU E 15 0.41 44.62 -7.99
N GLY E 16 0.02 45.16 -6.83
CA GLY E 16 0.75 44.88 -5.62
C GLY E 16 0.63 43.43 -5.22
N ALA E 17 -0.59 42.90 -5.27
CA ALA E 17 -0.79 41.48 -5.05
C ALA E 17 0.04 40.67 -6.03
N ARG E 18 -0.03 41.04 -7.32
CA ARG E 18 0.74 40.34 -8.33
C ARG E 18 2.24 40.45 -8.06
N PHE E 19 2.69 41.62 -7.61
CA PHE E 19 4.11 41.76 -7.30
C PHE E 19 4.51 40.83 -6.16
N ILE E 20 3.72 40.81 -5.09
CA ILE E 20 3.99 39.92 -3.95
C ILE E 20 3.99 38.47 -4.40
N GLU E 21 3.00 38.09 -5.21
CA GLU E 21 2.91 36.73 -5.70
C GLU E 21 4.16 36.32 -6.47
N GLU E 22 4.60 37.18 -7.39
CA GLU E 22 5.65 36.82 -8.33
C GLU E 22 7.06 37.10 -7.83
N ASN E 23 7.20 37.72 -6.66
CA ASN E 23 8.51 38.12 -6.16
C ASN E 23 8.77 37.64 -4.74
N ILE E 24 7.72 37.61 -3.93
CA ILE E 24 7.85 37.35 -2.50
C ILE E 24 7.25 36.00 -2.11
N ASP E 25 6.09 35.66 -2.68
CA ASP E 25 5.41 34.41 -2.34
C ASP E 25 6.31 33.21 -2.60
N GLU E 26 6.55 32.43 -1.55
CA GLU E 26 7.43 31.27 -1.66
C GLU E 26 6.80 30.09 -2.39
N GLN E 27 5.46 29.96 -2.41
CA GLN E 27 4.96 28.83 -3.18
C GLN E 27 5.10 29.11 -4.66
N PHE E 28 4.94 30.38 -5.08
CA PHE E 28 5.21 30.75 -6.46
C PHE E 28 6.65 30.46 -6.84
N LYS E 29 7.60 30.76 -5.95
CA LYS E 29 9.00 30.44 -6.24
C LYS E 29 9.18 28.95 -6.42
N ALA E 30 8.55 28.15 -5.55
CA ALA E 30 8.69 26.71 -5.65
C ALA E 30 8.07 26.20 -6.95
N LEU E 31 6.92 26.77 -7.34
CA LEU E 31 6.29 26.33 -8.58
C LEU E 31 7.13 26.73 -9.80
N ARG E 32 7.73 27.92 -9.77
CA ARG E 32 8.58 28.32 -10.90
C ARG E 32 9.74 27.35 -11.07
N TYR E 33 10.38 26.97 -9.95
CA TYR E 33 11.47 26.00 -10.00
C TYR E 33 11.01 24.67 -10.58
N LEU E 34 9.90 24.12 -10.05
CA LEU E 34 9.42 22.82 -10.55
C LEU E 34 9.05 22.89 -12.02
N SER E 35 8.47 24.03 -12.47
CA SER E 35 8.05 24.15 -13.87
C SER E 35 9.19 23.96 -14.87
N LYS E 36 10.44 24.11 -14.44
CA LYS E 36 11.56 23.95 -15.36
C LYS E 36 12.06 22.52 -15.45
N GLY E 37 11.51 21.61 -14.65
CA GLY E 37 11.99 20.25 -14.61
C GLY E 37 10.92 19.20 -14.83
N ILE E 38 9.77 19.60 -15.36
CA ILE E 38 8.69 18.68 -15.64
C ILE E 38 7.81 19.35 -16.71
N ASP E 39 7.15 18.53 -17.51
CA ASP E 39 6.35 19.05 -18.62
C ASP E 39 5.14 19.83 -18.08
N SER E 40 4.62 20.72 -18.93
CA SER E 40 3.61 21.69 -18.51
C SER E 40 2.35 21.01 -17.99
N GLU E 41 1.90 19.94 -18.65
CA GLU E 41 0.66 19.29 -18.25
C GLU E 41 0.82 18.59 -16.91
N THR E 42 1.87 17.78 -16.75
CA THR E 42 2.12 17.11 -15.48
C THR E 42 2.30 18.13 -14.36
N PHE E 43 3.02 19.22 -14.63
CA PHE E 43 3.21 20.29 -13.64
C PHE E 43 1.89 20.77 -13.06
N VAL E 44 0.94 21.13 -13.93
CA VAL E 44 -0.33 21.69 -13.47
C VAL E 44 -1.14 20.64 -12.70
N LYS E 45 -1.17 19.40 -13.20
CA LYS E 45 -1.89 18.32 -12.51
C LYS E 45 -1.34 18.12 -11.11
N LEU E 46 -0.01 18.14 -10.97
CA LEU E 46 0.63 17.95 -9.67
C LEU E 46 0.31 19.10 -8.73
N VAL E 47 0.31 20.34 -9.23
CA VAL E 47 0.03 21.48 -8.37
C VAL E 47 -1.37 21.36 -7.77
N ILE E 48 -2.35 20.94 -8.59
CA ILE E 48 -3.70 20.76 -8.06
C ILE E 48 -3.74 19.61 -7.06
N ALA E 49 -3.15 18.45 -7.43
CA ALA E 49 -3.12 17.32 -6.51
C ALA E 49 -2.47 17.71 -5.19
N ASN E 50 -1.32 18.38 -5.26
CA ASN E 50 -0.62 18.81 -4.05
C ASN E 50 -1.48 19.76 -3.22
N SER E 51 -2.15 20.71 -3.86
CA SER E 51 -2.99 21.63 -3.09
C SER E 51 -4.07 20.87 -2.31
N LEU E 52 -4.65 19.83 -2.93
CA LEU E 52 -5.75 19.09 -2.31
C LEU E 52 -5.30 18.21 -1.15
N VAL E 53 -3.99 17.99 -0.97
CA VAL E 53 -3.47 17.30 0.19
C VAL E 53 -2.69 18.23 1.12
N SER E 54 -2.70 19.54 0.86
CA SER E 54 -1.89 20.49 1.63
C SER E 54 -2.73 21.06 2.77
N TYR E 55 -2.90 20.25 3.82
CA TYR E 55 -3.60 20.68 5.03
C TYR E 55 -3.14 19.80 6.18
N GLN E 56 -3.14 20.37 7.39
CA GLN E 56 -2.63 19.69 8.58
C GLN E 56 -1.23 19.15 8.33
N LEU E 57 -0.34 20.05 7.89
CA LEU E 57 1.00 19.66 7.49
C LEU E 57 1.86 19.42 8.73
N THR E 58 2.93 18.67 8.55
CA THR E 58 3.92 18.52 9.62
C THR E 58 5.10 19.46 9.38
N GLY E 59 4.75 20.73 9.15
CA GLY E 59 5.73 21.74 8.84
C GLY E 59 5.01 22.98 8.38
N LYS E 60 5.78 23.96 7.92
CA LYS E 60 5.22 25.18 7.39
C LYS E 60 4.86 25.01 5.92
N GLY E 61 3.82 25.72 5.48
CA GLY E 61 3.40 25.63 4.09
C GLY E 61 4.52 25.91 3.11
N GLU E 62 5.36 26.91 3.42
CA GLU E 62 6.53 27.22 2.60
C GLU E 62 7.46 26.02 2.47
N GLN E 63 7.83 25.42 3.60
CA GLN E 63 8.71 24.25 3.58
C GLN E 63 8.12 23.16 2.71
N TRP E 64 6.81 22.94 2.84
CA TRP E 64 6.17 21.79 2.20
C TRP E 64 6.10 21.96 0.69
N TRP E 65 5.81 23.17 0.22
CA TRP E 65 5.71 23.37 -1.22
C TRP E 65 7.07 23.30 -1.89
N TRP E 66 8.14 23.67 -1.16
CA TRP E 66 9.49 23.47 -1.66
C TRP E 66 9.88 21.99 -1.65
N GLU E 67 9.43 21.23 -0.65
CA GLU E 67 9.69 19.79 -0.63
C GLU E 67 8.99 19.10 -1.81
N PHE E 68 7.73 19.48 -2.06
CA PHE E 68 7.00 19.02 -3.24
C PHE E 68 7.74 19.36 -4.53
N ALA E 69 8.20 20.61 -4.67
CA ALA E 69 8.86 21.02 -5.90
C ALA E 69 10.16 20.24 -6.12
N LYS E 70 10.97 20.11 -5.08
CA LYS E 70 12.23 19.38 -5.19
C LYS E 70 12.00 17.90 -5.47
N TYR E 71 10.96 17.32 -4.88
CA TYR E 71 10.66 15.90 -5.06
C TYR E 71 10.34 15.58 -6.52
N PHE E 72 9.53 16.42 -7.18
CA PHE E 72 9.03 16.11 -8.50
C PHE E 72 9.87 16.66 -9.63
N TYR E 73 10.75 17.62 -9.35
CA TYR E 73 11.66 18.11 -10.37
C TYR E 73 12.45 16.96 -10.96
N GLY E 74 12.42 16.85 -12.29
CA GLY E 74 13.13 15.80 -13.00
C GLY E 74 12.54 14.41 -12.87
N ARG E 75 11.36 14.28 -12.28
CA ARG E 75 10.74 12.97 -12.11
C ARG E 75 9.79 12.68 -13.27
N ASP E 76 9.82 11.43 -13.74
CA ASP E 76 8.88 10.95 -14.74
C ASP E 76 7.69 10.36 -14.00
N VAL E 77 6.58 11.09 -14.01
CA VAL E 77 5.39 10.73 -13.24
C VAL E 77 4.37 10.10 -14.17
N LYS E 78 3.90 8.91 -13.81
CA LYS E 78 2.85 8.24 -14.55
C LYS E 78 1.53 8.42 -13.79
N SER E 79 1.35 7.65 -12.73
CA SER E 79 0.16 7.79 -11.89
C SER E 79 0.46 8.77 -10.76
N ILE E 80 -0.32 9.85 -10.70
CA ILE E 80 -0.16 10.81 -9.62
C ILE E 80 -0.54 10.19 -8.28
N TYR E 81 -1.54 9.30 -8.28
CA TYR E 81 -1.89 8.56 -7.06
C TYR E 81 -0.71 7.74 -6.56
N LEU E 82 -0.10 6.94 -7.45
CA LEU E 82 1.03 6.12 -7.04
C LEU E 82 2.22 6.98 -6.63
N ALA E 83 2.43 8.13 -7.28
CA ALA E 83 3.54 8.98 -6.90
C ALA E 83 3.36 9.48 -5.47
N TYR E 84 2.15 9.94 -5.13
CA TYR E 84 1.88 10.42 -3.78
C TYR E 84 1.82 9.27 -2.76
N LYS E 85 1.45 8.07 -3.19
CA LYS E 85 1.49 6.92 -2.28
C LYS E 85 2.91 6.68 -1.77
N GLU E 86 3.92 6.86 -2.62
CA GLU E 86 5.30 6.77 -2.17
C GLU E 86 5.81 8.06 -1.52
N PHE E 87 5.40 9.22 -2.04
CA PHE E 87 5.92 10.50 -1.58
C PHE E 87 5.49 10.82 -0.13
N LEU E 88 4.18 10.78 0.16
CA LEU E 88 3.72 11.27 1.46
C LEU E 88 4.36 10.56 2.65
N PRO E 89 4.37 9.22 2.73
CA PRO E 89 4.96 8.58 3.92
C PRO E 89 6.47 8.79 4.05
N ASN E 90 7.15 9.21 2.99
CA ASN E 90 8.57 9.51 3.08
C ASN E 90 8.84 11.00 3.20
N SER E 91 7.81 11.84 3.16
CA SER E 91 8.00 13.28 3.24
C SER E 91 8.36 13.72 4.65
N ARG E 92 8.93 14.91 4.75
CA ARG E 92 9.11 15.52 6.06
C ARG E 92 7.87 16.27 6.52
N PHE E 93 7.21 17.02 5.63
CA PHE E 93 6.25 18.05 6.03
C PHE E 93 4.80 17.69 5.71
N ASN E 94 4.50 16.44 5.35
CA ASN E 94 3.09 16.07 5.18
C ASN E 94 2.90 14.60 5.54
N ARG E 95 3.06 14.27 6.83
CA ARG E 95 2.99 12.89 7.29
C ARG E 95 1.68 12.54 8.00
N ARG E 96 0.73 13.47 8.12
CA ARG E 96 -0.52 13.23 8.82
C ARG E 96 -1.69 13.10 7.84
N LEU E 97 -2.64 12.24 8.20
CA LEU E 97 -3.87 12.01 7.43
C LEU E 97 -3.56 11.49 6.03
N ILE E 98 -2.50 10.68 5.94
CA ILE E 98 -2.09 10.15 4.63
C ILE E 98 -3.17 9.28 3.99
N PRO E 99 -3.82 8.35 4.71
CA PRO E 99 -4.91 7.58 4.06
C PRO E 99 -6.04 8.45 3.53
N GLN E 100 -6.47 9.41 4.33
CA GLN E 100 -7.46 10.38 3.87
C GLN E 100 -6.98 11.15 2.63
N LYS E 101 -5.72 11.60 2.61
CA LYS E 101 -5.23 12.42 1.49
C LYS E 101 -5.03 11.59 0.22
N LEU E 102 -4.51 10.37 0.34
CA LEU E 102 -4.40 9.51 -0.83
C LEU E 102 -5.76 9.23 -1.44
N SER E 103 -6.78 8.97 -0.60
CA SER E 103 -8.13 8.77 -1.10
C SER E 103 -8.62 9.97 -1.91
N ARG E 104 -8.31 11.17 -1.44
CA ARG E 104 -8.76 12.36 -2.18
C ARG E 104 -8.10 12.41 -3.55
N ILE E 105 -6.80 12.12 -3.63
CA ILE E 105 -6.13 12.14 -4.92
C ILE E 105 -6.69 11.06 -5.84
N ARG E 106 -7.02 9.88 -5.29
CA ARG E 106 -7.57 8.83 -6.13
C ARG E 106 -8.87 9.29 -6.77
N ARG E 107 -9.68 10.05 -6.03
CA ARG E 107 -10.97 10.50 -6.54
C ARG E 107 -10.85 11.55 -7.65
N VAL E 108 -9.76 12.31 -7.67
CA VAL E 108 -9.61 13.39 -8.65
C VAL E 108 -8.70 13.02 -9.80
N GLU E 109 -8.16 11.80 -9.82
CA GLU E 109 -7.19 11.43 -10.83
C GLU E 109 -7.80 11.48 -12.23
N THR E 110 -9.07 11.07 -12.35
CA THR E 110 -9.74 11.12 -13.65
C THR E 110 -9.87 12.56 -14.15
N PHE E 111 -10.27 13.47 -13.28
CA PHE E 111 -10.35 14.87 -13.68
C PHE E 111 -8.98 15.44 -14.03
N LEU E 112 -7.96 15.13 -13.21
CA LEU E 112 -6.60 15.56 -13.53
C LEU E 112 -6.18 15.05 -14.91
N SER E 113 -6.59 13.85 -15.29
CA SER E 113 -6.18 13.30 -16.58
C SER E 113 -6.74 14.09 -17.76
N THR E 114 -7.80 14.88 -17.54
CA THR E 114 -8.35 15.71 -18.61
C THR E 114 -7.55 16.98 -18.84
N LEU E 115 -6.63 17.32 -17.94
CA LEU E 115 -5.93 18.61 -17.98
C LEU E 115 -4.88 18.61 -19.08
N THR E 116 -5.36 18.73 -20.32
CA THR E 116 -4.45 18.99 -21.43
C THR E 116 -4.06 20.46 -21.47
N GLU E 117 -3.09 20.76 -22.33
CA GLU E 117 -2.70 22.14 -22.62
C GLU E 117 -3.88 23.00 -23.08
N GLU E 118 -4.73 22.50 -23.98
CA GLU E 118 -5.91 23.29 -24.33
C GLU E 118 -6.86 23.40 -23.14
N ARG E 119 -6.99 22.33 -22.36
CA ARG E 119 -7.90 22.33 -21.22
C ARG E 119 -7.42 23.26 -20.12
N ILE E 120 -6.11 23.31 -19.92
CA ILE E 120 -5.56 24.20 -18.89
C ILE E 120 -5.82 25.66 -19.26
N GLU E 121 -5.60 26.04 -20.53
CA GLU E 121 -5.91 27.39 -20.98
C GLU E 121 -7.38 27.73 -20.77
N GLU E 122 -8.27 26.79 -21.08
CA GLU E 122 -9.70 27.03 -20.90
C GLU E 122 -10.02 27.35 -19.44
N TYR E 123 -9.52 26.52 -18.51
CA TYR E 123 -9.78 26.75 -17.08
C TYR E 123 -9.14 28.04 -16.57
N TYR E 124 -8.01 28.46 -17.14
CA TYR E 124 -7.39 29.69 -16.67
C TYR E 124 -8.17 30.92 -17.10
N GLY E 125 -8.90 30.84 -18.22
CA GLY E 125 -9.87 31.85 -18.60
C GLY E 125 -11.22 31.73 -17.94
N ASP E 126 -11.43 30.71 -17.10
CA ASP E 126 -12.70 30.51 -16.40
C ASP E 126 -12.42 29.72 -15.12
N MET E 127 -11.70 30.35 -14.18
CA MET E 127 -11.33 29.62 -12.97
C MET E 127 -12.52 29.34 -12.07
N SER E 128 -13.63 30.05 -12.24
CA SER E 128 -14.84 29.67 -11.51
C SER E 128 -15.34 28.31 -11.95
N SER E 129 -15.23 28.01 -13.24
CA SER E 129 -15.63 26.69 -13.73
C SER E 129 -14.71 25.61 -13.15
N LEU E 130 -13.40 25.87 -13.12
CA LEU E 130 -12.46 24.92 -12.52
C LEU E 130 -12.75 24.72 -11.04
N TRP E 131 -13.04 25.81 -10.33
CA TRP E 131 -13.42 25.74 -8.92
C TRP E 131 -14.52 24.71 -8.70
N GLY E 132 -15.62 24.82 -9.45
CA GLY E 132 -16.74 23.92 -9.24
C GLY E 132 -16.45 22.50 -9.69
N SER E 133 -15.64 22.35 -10.73
CA SER E 133 -15.30 21.02 -11.25
C SER E 133 -14.39 20.26 -10.30
N ILE E 134 -13.46 20.95 -9.65
CA ILE E 134 -12.59 20.30 -8.68
C ILE E 134 -13.42 19.79 -7.52
N ALA E 135 -14.32 20.63 -6.99
CA ALA E 135 -15.17 20.20 -5.90
C ALA E 135 -16.09 19.05 -6.31
N ARG E 136 -16.62 19.10 -7.53
CA ARG E 136 -17.50 18.02 -7.99
C ARG E 136 -16.76 16.70 -8.06
N ALA E 137 -15.52 16.72 -8.56
CA ALA E 137 -14.72 15.49 -8.61
C ALA E 137 -14.42 14.98 -7.20
N LEU E 138 -14.21 15.87 -6.25
CA LEU E 138 -13.93 15.45 -4.89
C LEU E 138 -15.18 15.07 -4.11
N GLY E 139 -16.36 15.47 -4.56
CA GLY E 139 -17.56 15.26 -3.77
C GLY E 139 -17.66 16.11 -2.53
N VAL E 140 -17.04 17.30 -2.53
CA VAL E 140 -16.96 18.17 -1.38
C VAL E 140 -17.47 19.56 -1.74
N ASP E 141 -17.62 20.40 -0.72
CA ASP E 141 -18.05 21.77 -0.92
C ASP E 141 -16.90 22.60 -1.49
N LYS E 142 -17.19 23.34 -2.56
CA LYS E 142 -16.15 24.16 -3.17
C LYS E 142 -15.70 25.32 -2.28
N GLU E 143 -16.44 25.62 -1.21
CA GLU E 143 -16.02 26.58 -0.22
C GLU E 143 -14.95 26.04 0.73
N SER E 144 -14.64 24.74 0.67
CA SER E 144 -13.60 24.20 1.54
C SER E 144 -12.24 24.83 1.20
N LYS E 145 -11.41 24.97 2.23
CA LYS E 145 -10.17 25.73 2.09
C LYS E 145 -9.29 25.15 1.00
N THR E 146 -9.14 23.82 0.99
CA THR E 146 -8.19 23.20 0.07
C THR E 146 -8.65 23.29 -1.38
N VAL E 147 -9.97 23.32 -1.61
CA VAL E 147 -10.44 23.47 -2.99
C VAL E 147 -10.22 24.91 -3.46
N VAL E 148 -10.49 25.89 -2.60
CA VAL E 148 -10.21 27.28 -2.95
C VAL E 148 -8.71 27.47 -3.18
N PHE E 149 -7.89 26.88 -2.30
CA PHE E 149 -6.44 27.00 -2.44
C PHE E 149 -5.94 26.32 -3.71
N SER E 150 -6.56 25.21 -4.12
CA SER E 150 -6.17 24.54 -5.37
C SER E 150 -6.41 25.43 -6.59
N VAL E 151 -7.49 26.22 -6.58
CA VAL E 151 -7.71 27.16 -7.67
C VAL E 151 -6.61 28.22 -7.68
N LYS E 152 -6.26 28.77 -6.51
CA LYS E 152 -5.21 29.78 -6.47
C LYS E 152 -3.90 29.23 -6.98
N MET E 153 -3.54 28.02 -6.55
CA MET E 153 -2.29 27.43 -6.98
C MET E 153 -2.33 27.06 -8.46
N PHE E 154 -3.49 26.63 -8.96
CA PHE E 154 -3.65 26.49 -10.41
C PHE E 154 -3.34 27.79 -11.12
N GLY E 155 -3.82 28.92 -10.58
CA GLY E 155 -3.52 30.21 -11.19
C GLY E 155 -2.04 30.53 -11.21
N TYR E 156 -1.30 30.10 -10.18
CA TYR E 156 0.15 30.26 -10.20
C TYR E 156 0.79 29.43 -11.32
N ALA E 157 0.46 28.15 -11.37
CA ALA E 157 1.01 27.25 -12.38
C ALA E 157 0.64 27.70 -13.80
N ALA E 158 -0.64 28.04 -14.02
CA ALA E 158 -1.09 28.42 -15.36
C ALA E 158 -0.43 29.70 -15.83
N ARG E 159 -0.32 30.68 -14.93
CA ARG E 159 0.41 31.90 -15.22
C ARG E 159 1.82 31.60 -15.70
N ILE E 160 2.47 30.63 -15.04
CA ILE E 160 3.83 30.25 -15.42
C ILE E 160 3.85 29.54 -16.77
N VAL E 161 2.95 28.56 -16.95
CA VAL E 161 2.95 27.75 -18.15
C VAL E 161 2.54 28.56 -19.37
N LEU E 162 1.54 29.42 -19.23
CA LEU E 162 0.93 30.11 -20.36
C LEU E 162 1.51 31.50 -20.62
N SER E 163 2.40 32.00 -19.74
CA SER E 163 2.98 33.34 -19.89
C SER E 163 1.92 34.41 -20.11
N THR E 164 0.76 34.22 -19.47
CA THR E 164 -0.31 35.21 -19.45
C THR E 164 -0.78 35.38 -18.02
N PHE E 165 -1.48 36.50 -17.77
CA PHE E 165 -1.99 36.79 -16.44
C PHE E 165 -3.48 37.11 -16.53
N ASN E 166 -4.30 36.27 -15.88
CA ASN E 166 -5.72 36.53 -15.66
C ASN E 166 -5.94 36.67 -14.16
N PRO E 167 -6.51 37.77 -13.68
CA PRO E 167 -6.79 37.90 -12.24
C PRO E 167 -7.80 36.86 -11.77
N TYR E 168 -7.65 36.45 -10.52
CA TYR E 168 -8.57 35.52 -9.89
C TYR E 168 -9.99 36.10 -9.90
N PRO E 169 -11.00 35.24 -10.02
CA PRO E 169 -12.39 35.74 -10.04
C PRO E 169 -12.77 36.40 -8.71
N MET E 170 -13.60 37.44 -8.82
CA MET E 170 -14.15 38.09 -7.63
C MET E 170 -14.94 37.14 -6.75
N GLU E 171 -15.63 36.17 -7.34
CA GLU E 171 -16.54 35.34 -6.56
C GLU E 171 -15.84 34.30 -5.69
N ILE E 172 -14.54 34.05 -5.85
CA ILE E 172 -13.84 33.04 -5.07
C ILE E 172 -13.33 33.69 -3.79
N PRO E 173 -13.74 33.23 -2.61
CA PRO E 173 -13.42 33.93 -1.35
C PRO E 173 -12.04 33.58 -0.80
N ILE E 174 -11.61 34.36 0.18
CA ILE E 174 -10.31 34.07 0.82
C ILE E 174 -10.36 32.70 1.48
N PRO E 175 -9.29 31.90 1.35
CA PRO E 175 -9.22 30.63 2.05
C PRO E 175 -9.30 30.84 3.56
N GLU E 176 -10.23 30.12 4.19
CA GLU E 176 -10.49 30.26 5.62
C GLU E 176 -9.30 29.73 6.42
N ASP E 177 -8.50 30.66 6.95
CA ASP E 177 -7.43 30.36 7.88
C ASP E 177 -7.86 30.82 9.26
N SER E 178 -7.60 30.00 10.29
CA SER E 178 -7.94 30.39 11.64
C SER E 178 -7.25 31.68 12.04
N ARG E 179 -6.11 32.00 11.41
CA ARG E 179 -5.46 33.28 11.67
C ARG E 179 -6.30 34.44 11.13
N ILE E 180 -7.07 34.19 10.08
CA ILE E 180 -7.94 35.23 9.52
C ILE E 180 -9.12 35.48 10.45
N VAL E 181 -9.70 34.41 11.02
CA VAL E 181 -10.71 34.57 12.08
C VAL E 181 -10.21 35.51 13.16
N LYS E 182 -9.02 35.24 13.70
CA LYS E 182 -8.51 36.08 14.78
C LYS E 182 -8.36 37.53 14.34
N LEU E 183 -7.95 37.74 13.08
CA LEU E 183 -7.76 39.09 12.58
C LEU E 183 -9.09 39.75 12.21
N THR E 184 -10.00 39.00 11.60
CA THR E 184 -11.26 39.59 11.13
C THR E 184 -12.14 40.01 12.30
N LYS E 185 -12.12 39.24 13.40
CA LYS E 185 -12.94 39.60 14.56
C LYS E 185 -12.53 40.94 15.14
N LYS E 186 -11.30 41.40 14.86
CA LYS E 186 -10.82 42.70 15.30
C LYS E 186 -11.19 43.82 14.35
N LEU E 187 -11.96 43.52 13.29
CA LEU E 187 -12.33 44.50 12.28
C LEU E 187 -13.82 44.58 11.98
N THR E 188 -14.61 43.56 12.34
CA THR E 188 -16.03 43.56 12.01
C THR E 188 -16.73 42.54 12.90
N ASN E 189 -18.05 42.65 12.95
CA ASN E 189 -18.90 41.69 13.65
C ASN E 189 -19.54 40.67 12.71
N GLU E 190 -19.28 40.77 11.41
CA GLU E 190 -19.80 39.82 10.43
C GLU E 190 -18.81 38.68 10.20
N LYS E 191 -19.29 37.63 9.54
CA LYS E 191 -18.46 36.47 9.29
C LYS E 191 -17.26 36.84 8.42
N PRO E 192 -16.10 36.23 8.65
CA PRO E 192 -14.92 36.57 7.84
C PRO E 192 -15.13 36.42 6.35
N ARG E 193 -15.88 35.40 5.92
CA ARG E 193 -16.09 35.20 4.49
C ARG E 193 -16.85 36.38 3.88
N LYS E 194 -17.91 36.83 4.56
CA LYS E 194 -18.70 37.93 4.03
C LYS E 194 -17.90 39.24 4.07
N PHE E 195 -17.12 39.46 5.12
CA PHE E 195 -16.36 40.69 5.26
C PHE E 195 -15.33 40.85 4.13
N TRP E 196 -14.51 39.82 3.90
CA TRP E 196 -13.47 39.96 2.90
C TRP E 196 -14.00 40.01 1.48
N MET E 197 -15.21 39.47 1.24
CA MET E 197 -15.87 39.72 -0.04
C MET E 197 -16.21 41.19 -0.18
N LYS E 198 -16.74 41.81 0.89
CA LYS E 198 -17.02 43.24 0.84
C LYS E 198 -15.75 44.04 0.57
N ILE E 199 -14.67 43.73 1.30
CA ILE E 199 -13.41 44.43 1.12
C ILE E 199 -12.89 44.26 -0.30
N ALA E 200 -13.01 43.05 -0.85
CA ALA E 200 -12.61 42.82 -2.23
C ALA E 200 -13.45 43.67 -3.19
N ARG E 201 -14.78 43.67 -3.01
CA ARG E 201 -15.63 44.41 -3.95
C ARG E 201 -15.38 45.91 -3.86
N GLU E 202 -15.09 46.41 -2.66
CA GLU E 202 -14.86 47.84 -2.50
C GLU E 202 -13.52 48.26 -3.09
N SER E 203 -12.48 47.46 -2.86
CA SER E 203 -11.14 47.78 -3.31
C SER E 203 -10.91 47.43 -4.77
N GLY E 204 -11.70 46.53 -5.34
CA GLY E 204 -11.43 46.01 -6.67
C GLY E 204 -10.40 44.92 -6.73
N VAL E 205 -9.92 44.44 -5.59
CA VAL E 205 -8.91 43.37 -5.54
C VAL E 205 -9.63 42.07 -5.21
N PRO E 206 -9.62 41.08 -6.10
CA PRO E 206 -10.30 39.81 -5.80
C PRO E 206 -9.74 39.17 -4.54
N PRO E 207 -10.57 38.43 -3.81
CA PRO E 207 -10.15 37.90 -2.49
C PRO E 207 -8.90 37.04 -2.51
N LEU E 208 -8.74 36.19 -3.53
CA LEU E 208 -7.52 35.39 -3.60
C LEU E 208 -6.29 36.27 -3.77
N HIS E 209 -6.43 37.43 -4.43
CA HIS E 209 -5.30 38.36 -4.49
C HIS E 209 -5.09 39.08 -3.16
N ILE E 210 -6.17 39.38 -2.44
CA ILE E 210 -6.03 39.91 -1.08
C ILE E 210 -5.31 38.91 -0.19
N ASP E 211 -5.61 37.62 -0.36
CA ASP E 211 -4.90 36.58 0.38
C ASP E 211 -3.40 36.72 0.19
N SER E 212 -2.96 37.03 -1.04
CA SER E 212 -1.53 37.22 -1.30
C SER E 212 -0.98 38.42 -0.56
N ILE E 213 -1.78 39.48 -0.39
CA ILE E 213 -1.36 40.67 0.34
C ILE E 213 -1.22 40.42 1.84
N LEU E 214 -2.11 39.61 2.42
CA LEU E 214 -2.24 39.50 3.87
C LEU E 214 -1.08 38.74 4.51
N TRP E 215 -0.81 37.51 4.07
CA TRP E 215 0.04 36.62 4.84
C TRP E 215 1.54 36.92 4.69
N PRO E 216 2.05 37.18 3.49
CA PRO E 216 3.46 37.64 3.40
C PRO E 216 3.72 38.90 4.21
N LEU E 217 2.70 39.73 4.44
CA LEU E 217 2.84 40.87 5.33
C LEU E 217 2.72 40.44 6.79
N LEU E 218 1.68 39.66 7.12
CA LEU E 218 1.45 39.23 8.49
C LEU E 218 2.48 38.22 8.99
N GLY E 219 3.30 37.67 8.10
CA GLY E 219 4.29 36.67 8.48
C GLY E 219 5.69 37.23 8.66
N GLY E 220 5.91 38.44 8.17
CA GLY E 220 7.21 39.08 8.30
C GLY E 220 8.17 38.68 7.20
N ALA E 221 7.97 39.23 6.00
CA ALA E 221 8.86 39.02 4.88
C ALA E 221 9.36 40.36 4.35
N SER E 222 10.46 40.31 3.61
CA SER E 222 11.07 41.53 3.10
C SER E 222 10.19 42.15 2.02
N ILE E 223 9.84 43.42 2.22
CA ILE E 223 9.05 44.18 1.27
C ILE E 223 9.88 45.24 0.56
N ASP E 224 11.19 45.28 0.81
CA ASP E 224 12.03 46.27 0.14
C ASP E 224 12.26 45.94 -1.32
N SER E 225 12.04 44.69 -1.73
CA SER E 225 12.04 44.37 -3.16
C SER E 225 10.92 45.09 -3.89
N ALA E 226 9.84 45.40 -3.19
CA ALA E 226 8.74 46.14 -3.78
C ALA E 226 9.16 47.59 -4.02
N PRO E 227 8.61 48.23 -5.06
CA PRO E 227 8.87 49.65 -5.28
C PRO E 227 8.46 50.47 -4.07
N PRO E 228 9.06 51.65 -3.87
CA PRO E 228 8.73 52.44 -2.68
C PRO E 228 7.25 52.75 -2.56
N GLU E 229 6.57 53.07 -3.68
CA GLU E 229 5.14 53.36 -3.63
C GLU E 229 4.36 52.17 -3.10
N LEU E 230 4.75 50.95 -3.51
CA LEU E 230 4.10 49.75 -3.00
C LEU E 230 4.55 49.44 -1.58
N ARG E 231 5.84 49.66 -1.28
CA ARG E 231 6.36 49.32 0.04
C ARG E 231 5.69 50.13 1.14
N ASP E 232 5.33 51.38 0.86
CA ASP E 232 4.72 52.22 1.89
C ASP E 232 3.27 51.85 2.13
N LYS E 233 2.54 51.45 1.08
CA LYS E 233 1.14 51.06 1.25
C LYS E 233 1.02 49.79 2.09
N LEU E 234 1.96 48.86 1.93
CA LEU E 234 1.96 47.67 2.77
C LEU E 234 2.31 48.02 4.21
N ALA E 235 3.07 49.10 4.42
CA ALA E 235 3.44 49.50 5.78
C ALA E 235 2.24 49.98 6.57
N GLU E 236 1.41 50.83 5.97
CA GLU E 236 0.26 51.35 6.70
C GLU E 236 -0.88 50.34 6.78
N LEU E 237 -0.86 49.31 5.95
CA LEU E 237 -1.85 48.25 6.09
C LEU E 237 -1.56 47.38 7.32
N ILE E 238 -0.27 47.13 7.58
CA ILE E 238 0.10 46.22 8.66
C ILE E 238 -0.20 46.88 10.00
N LYS E 239 -0.28 48.20 10.03
CA LYS E 239 -0.55 48.93 11.26
C LYS E 239 -2.01 48.85 11.68
N ILE E 240 -2.91 48.49 10.77
CA ILE E 240 -4.32 48.58 11.10
C ILE E 240 -4.80 47.17 11.40
N ILE E 241 -4.18 46.17 10.75
CA ILE E 241 -4.50 44.76 10.97
C ILE E 241 -3.50 44.11 11.92
N ARG E 242 -2.79 44.89 12.73
CA ARG E 242 -1.77 44.36 13.63
C ARG E 242 -2.38 43.42 14.68
N GLY G 1 -31.21 33.93 34.08
CA GLY G 1 -29.81 33.99 34.43
C GLY G 1 -29.17 32.63 34.54
N SER G 2 -27.85 32.59 34.33
CA SER G 2 -27.14 31.31 34.36
C SER G 2 -27.12 30.71 35.75
N HIS G 3 -27.21 31.54 36.79
CA HIS G 3 -27.21 31.00 38.14
C HIS G 3 -28.48 30.22 38.43
N MET G 4 -29.60 30.56 37.79
CA MET G 4 -30.82 29.77 37.94
C MET G 4 -30.65 28.38 37.33
N ILE G 5 -29.79 28.25 36.32
CA ILE G 5 -29.45 26.94 35.79
C ILE G 5 -28.68 26.13 36.83
N ALA G 6 -27.79 26.79 37.57
CA ALA G 6 -27.02 26.09 38.59
C ALA G 6 -27.92 25.62 39.73
N ARG G 7 -28.93 26.41 40.07
CA ARG G 7 -29.85 25.98 41.13
C ARG G 7 -30.69 24.79 40.67
N ILE G 8 -31.26 24.87 39.47
CA ILE G 8 -32.12 23.79 38.98
C ILE G 8 -31.34 22.50 38.84
N ILE G 9 -30.15 22.58 38.24
CA ILE G 9 -29.30 21.40 38.11
C ILE G 9 -28.94 20.86 39.49
N GLY G 10 -28.65 21.74 40.44
CA GLY G 10 -28.36 21.30 41.79
C GLY G 10 -29.54 20.57 42.42
N GLU G 11 -30.76 21.01 42.09
CA GLU G 11 -31.96 20.34 42.59
C GLU G 11 -32.17 18.98 41.92
N ILE G 12 -31.97 18.91 40.60
CA ILE G 12 -31.97 17.61 39.92
C ILE G 12 -30.88 16.70 40.50
N GLY G 13 -29.66 17.23 40.61
CA GLY G 13 -28.60 16.53 41.31
C GLY G 13 -28.04 15.32 40.58
N ILE G 14 -27.07 14.67 41.23
CA ILE G 14 -26.52 13.44 40.71
C ILE G 14 -27.59 12.35 40.68
N GLU G 15 -28.55 12.39 41.60
CA GLU G 15 -29.67 11.45 41.57
C GLU G 15 -30.45 11.56 40.27
N GLY G 16 -30.82 12.79 39.88
CA GLY G 16 -31.57 12.96 38.64
C GLY G 16 -30.77 12.56 37.42
N ALA G 17 -29.50 12.94 37.37
CA ALA G 17 -28.64 12.52 36.26
C ALA G 17 -28.51 11.01 36.21
N ARG G 18 -28.33 10.37 37.37
CA ARG G 18 -28.22 8.92 37.42
C ARG G 18 -29.51 8.26 36.94
N PHE G 19 -30.67 8.84 37.27
CA PHE G 19 -31.91 8.29 36.76
C PHE G 19 -31.95 8.34 35.24
N ILE G 20 -31.59 9.48 34.66
CA ILE G 20 -31.59 9.62 33.20
C ILE G 20 -30.58 8.65 32.57
N GLU G 21 -29.42 8.50 33.18
CA GLU G 21 -28.41 7.58 32.67
C GLU G 21 -28.94 6.15 32.64
N GLU G 22 -29.54 5.70 33.75
CA GLU G 22 -29.88 4.30 33.91
C GLU G 22 -31.26 3.93 33.39
N ASN G 23 -32.06 4.91 32.94
CA ASN G 23 -33.43 4.64 32.52
C ASN G 23 -33.73 5.19 31.13
N ILE G 24 -33.06 6.27 30.73
CA ILE G 24 -33.36 6.96 29.49
C ILE G 24 -32.21 6.85 28.49
N ASP G 25 -30.98 6.95 28.95
CA ASP G 25 -29.83 6.97 28.05
C ASP G 25 -29.78 5.69 27.23
N GLU G 26 -29.78 5.83 25.91
CA GLU G 26 -29.77 4.65 25.03
C GLU G 26 -28.41 3.98 24.99
N GLN G 27 -27.34 4.72 25.20
CA GLN G 27 -26.02 4.11 25.27
C GLN G 27 -25.92 3.18 26.46
N PHE G 28 -26.46 3.61 27.60
CA PHE G 28 -26.50 2.73 28.75
C PHE G 28 -27.33 1.47 28.46
N LYS G 29 -28.44 1.62 27.74
CA LYS G 29 -29.24 0.45 27.37
C LYS G 29 -28.44 -0.51 26.51
N ALA G 30 -27.77 0.01 25.47
CA ALA G 30 -26.93 -0.83 24.62
C ALA G 30 -25.86 -1.55 25.46
N LEU G 31 -25.24 -0.84 26.39
CA LEU G 31 -24.17 -1.44 27.20
C LEU G 31 -24.72 -2.52 28.11
N ARG G 32 -25.90 -2.30 28.68
CA ARG G 32 -26.50 -3.34 29.51
C ARG G 32 -26.70 -4.62 28.70
N TYR G 33 -27.22 -4.48 27.47
CA TYR G 33 -27.44 -5.64 26.60
C TYR G 33 -26.13 -6.37 26.30
N LEU G 34 -25.09 -5.65 25.90
CA LEU G 34 -23.84 -6.29 25.56
C LEU G 34 -23.22 -6.99 26.78
N SER G 35 -23.30 -6.36 27.95
CA SER G 35 -22.73 -6.94 29.18
C SER G 35 -23.26 -8.34 29.47
N LYS G 36 -24.43 -8.71 28.92
CA LYS G 36 -25.02 -10.03 29.07
C LYS G 36 -24.50 -11.03 28.03
N GLY G 37 -23.73 -10.58 27.05
CA GLY G 37 -23.31 -11.48 25.99
C GLY G 37 -21.82 -11.55 25.75
N ILE G 38 -21.01 -11.06 26.68
CA ILE G 38 -19.56 -11.19 26.60
C ILE G 38 -19.00 -11.04 28.01
N ASP G 39 -17.77 -11.50 28.21
CA ASP G 39 -17.20 -11.48 29.55
C ASP G 39 -16.90 -10.04 29.98
N SER G 40 -16.80 -9.85 31.30
CA SER G 40 -16.72 -8.52 31.89
C SER G 40 -15.52 -7.73 31.37
N GLU G 41 -14.34 -8.37 31.34
CA GLU G 41 -13.13 -7.67 30.95
C GLU G 41 -13.19 -7.24 29.49
N THR G 42 -13.56 -8.16 28.59
CA THR G 42 -13.67 -7.82 27.17
C THR G 42 -14.71 -6.73 26.95
N PHE G 43 -15.83 -6.82 27.68
CA PHE G 43 -16.88 -5.81 27.61
C PHE G 43 -16.31 -4.42 27.82
N VAL G 44 -15.58 -4.22 28.92
CA VAL G 44 -15.07 -2.89 29.26
C VAL G 44 -14.05 -2.41 28.23
N LYS G 45 -13.15 -3.31 27.79
CA LYS G 45 -12.18 -2.94 26.77
C LYS G 45 -12.88 -2.51 25.48
N LEU G 46 -13.92 -3.24 25.08
CA LEU G 46 -14.67 -2.90 23.88
C LEU G 46 -15.36 -1.56 24.00
N VAL G 47 -15.87 -1.23 25.19
CA VAL G 47 -16.58 0.03 25.37
C VAL G 47 -15.61 1.20 25.22
N ILE G 48 -14.41 1.07 25.79
CA ILE G 48 -13.43 2.15 25.65
C ILE G 48 -12.99 2.26 24.19
N ALA G 49 -12.69 1.13 23.55
CA ALA G 49 -12.26 1.19 22.16
C ALA G 49 -13.36 1.81 21.30
N ASN G 50 -14.61 1.40 21.52
CA ASN G 50 -15.73 1.95 20.76
C ASN G 50 -15.85 3.45 20.94
N SER G 51 -15.67 3.94 22.17
CA SER G 51 -15.77 5.37 22.44
C SER G 51 -14.70 6.14 21.67
N LEU G 52 -13.48 5.60 21.64
CA LEU G 52 -12.37 6.28 20.98
C LEU G 52 -12.53 6.34 19.47
N VAL G 53 -13.47 5.58 18.89
CA VAL G 53 -13.76 5.70 17.47
C VAL G 53 -15.15 6.24 17.21
N SER G 54 -15.83 6.79 18.23
CA SER G 54 -17.20 7.26 18.07
C SER G 54 -17.18 8.76 17.74
N TYR G 55 -16.87 9.06 16.48
CA TYR G 55 -16.90 10.45 16.04
C TYR G 55 -17.07 10.47 14.54
N GLN G 56 -17.67 11.55 14.04
CA GLN G 56 -17.99 11.68 12.62
C GLN G 56 -18.70 10.43 12.11
N LEU G 57 -19.74 10.02 12.85
CA LEU G 57 -20.47 8.80 12.53
C LEU G 57 -21.30 8.98 11.27
N THR G 58 -21.64 7.86 10.64
CA THR G 58 -22.62 7.85 9.55
C THR G 58 -23.97 7.37 10.07
N GLY G 59 -24.42 8.00 11.15
CA GLY G 59 -25.65 7.64 11.81
C GLY G 59 -25.73 8.35 13.15
N LYS G 60 -26.86 8.14 13.83
CA LYS G 60 -27.03 8.72 15.16
C LYS G 60 -26.20 7.95 16.19
N GLY G 61 -25.78 8.66 17.24
CA GLY G 61 -24.99 8.01 18.29
C GLY G 61 -25.68 6.82 18.92
N GLU G 62 -26.99 6.93 19.16
CA GLU G 62 -27.75 5.82 19.75
C GLU G 62 -27.77 4.60 18.83
N GLN G 63 -27.99 4.83 17.53
CA GLN G 63 -27.97 3.73 16.57
C GLN G 63 -26.61 3.03 16.54
N TRP G 64 -25.53 3.82 16.53
CA TRP G 64 -24.19 3.25 16.42
C TRP G 64 -23.85 2.41 17.62
N TRP G 65 -24.13 2.90 18.82
CA TRP G 65 -23.87 2.13 20.03
C TRP G 65 -24.70 0.85 20.09
N TRP G 66 -25.92 0.88 19.55
CA TRP G 66 -26.74 -0.34 19.46
C TRP G 66 -26.19 -1.30 18.40
N GLU G 67 -25.66 -0.77 17.29
CA GLU G 67 -25.03 -1.64 16.30
C GLU G 67 -23.81 -2.32 16.91
N PHE G 68 -23.03 -1.55 17.67
CA PHE G 68 -21.88 -2.08 18.39
C PHE G 68 -22.30 -3.17 19.37
N ALA G 69 -23.31 -2.89 20.20
CA ALA G 69 -23.75 -3.87 21.20
C ALA G 69 -24.26 -5.16 20.55
N LYS G 70 -25.07 -5.05 19.51
CA LYS G 70 -25.59 -6.25 18.85
C LYS G 70 -24.48 -7.03 18.14
N TYR G 71 -23.46 -6.32 17.63
CA TYR G 71 -22.41 -6.99 16.90
C TYR G 71 -21.59 -7.89 17.82
N PHE G 72 -21.17 -7.36 18.97
CA PHE G 72 -20.24 -8.08 19.82
C PHE G 72 -20.93 -9.05 20.78
N TYR G 73 -22.24 -8.93 20.95
CA TYR G 73 -22.97 -9.85 21.81
C TYR G 73 -22.78 -11.28 21.29
N GLY G 74 -22.30 -12.15 22.18
CA GLY G 74 -22.00 -13.53 21.83
C GLY G 74 -20.82 -13.73 20.91
N ARG G 75 -20.09 -12.67 20.54
CA ARG G 75 -18.99 -12.78 19.60
C ARG G 75 -17.69 -13.15 20.32
N ASP G 76 -16.88 -13.98 19.67
CA ASP G 76 -15.54 -14.29 20.19
C ASP G 76 -14.57 -13.18 19.78
N VAL G 77 -13.93 -12.56 20.76
CA VAL G 77 -13.04 -11.43 20.54
C VAL G 77 -11.71 -11.70 21.21
N LYS G 78 -10.63 -11.68 20.42
CA LYS G 78 -9.28 -11.75 20.97
C LYS G 78 -8.64 -10.37 20.93
N SER G 79 -7.93 -10.07 19.84
CA SER G 79 -7.40 -8.74 19.62
C SER G 79 -8.52 -7.73 19.41
N ILE G 80 -8.46 -6.61 20.11
CA ILE G 80 -9.47 -5.57 19.92
C ILE G 80 -9.27 -4.89 18.58
N TYR G 81 -8.02 -4.60 18.22
CA TYR G 81 -7.71 -4.04 16.91
C TYR G 81 -8.21 -4.94 15.79
N LEU G 82 -7.92 -6.24 15.88
CA LEU G 82 -8.32 -7.16 14.82
C LEU G 82 -9.83 -7.26 14.75
N ALA G 83 -10.51 -7.27 15.90
CA ALA G 83 -11.97 -7.22 15.92
C ALA G 83 -12.49 -6.00 15.17
N TYR G 84 -11.90 -4.82 15.41
CA TYR G 84 -12.42 -3.62 14.78
C TYR G 84 -12.01 -3.54 13.31
N LYS G 85 -10.85 -4.12 12.98
CA LYS G 85 -10.48 -4.28 11.58
C LYS G 85 -11.58 -4.98 10.79
N GLU G 86 -12.23 -5.97 11.42
CA GLU G 86 -13.28 -6.72 10.75
C GLU G 86 -14.63 -6.03 10.83
N PHE G 87 -14.89 -5.30 11.91
CA PHE G 87 -16.18 -4.70 12.22
C PHE G 87 -16.42 -3.38 11.48
N LEU G 88 -15.53 -2.40 11.64
CA LEU G 88 -15.78 -1.06 11.11
C LEU G 88 -16.09 -1.06 9.62
N PRO G 89 -15.28 -1.68 8.74
CA PRO G 89 -15.53 -1.50 7.30
C PRO G 89 -16.84 -2.10 6.84
N ASN G 90 -17.43 -3.01 7.61
CA ASN G 90 -18.74 -3.53 7.28
C ASN G 90 -19.84 -2.88 8.09
N SER G 91 -19.49 -1.96 8.98
CA SER G 91 -20.50 -1.33 9.83
C SER G 91 -21.40 -0.42 9.00
N ARG G 92 -22.55 -0.08 9.59
CA ARG G 92 -23.50 0.82 8.95
C ARG G 92 -23.34 2.25 9.42
N PHE G 93 -23.02 2.48 10.70
CA PHE G 93 -23.07 3.81 11.27
C PHE G 93 -21.69 4.38 11.56
N ASN G 94 -20.61 3.70 11.14
CA ASN G 94 -19.28 4.26 11.38
C ASN G 94 -18.34 3.89 10.23
N ARG G 95 -18.60 4.45 9.05
CA ARG G 95 -17.85 4.13 7.84
C ARG G 95 -16.86 5.22 7.41
N ARG G 96 -16.79 6.34 8.12
CA ARG G 96 -15.87 7.41 7.78
C ARG G 96 -14.63 7.37 8.67
N LEU G 97 -13.50 7.77 8.10
CA LEU G 97 -12.23 7.90 8.82
C LEU G 97 -11.80 6.58 9.43
N ILE G 98 -12.13 5.48 8.76
CA ILE G 98 -11.76 4.16 9.27
C ILE G 98 -10.26 4.00 9.46
N PRO G 99 -9.39 4.34 8.49
CA PRO G 99 -7.94 4.16 8.73
C PRO G 99 -7.43 4.90 9.96
N GLN G 100 -7.78 6.19 10.09
CA GLN G 100 -7.47 6.93 11.29
C GLN G 100 -8.00 6.25 12.56
N LYS G 101 -9.26 5.79 12.53
CA LYS G 101 -9.86 5.19 13.72
C LYS G 101 -9.19 3.87 14.08
N LEU G 102 -8.91 3.01 13.09
CA LEU G 102 -8.26 1.75 13.40
C LEU G 102 -6.85 1.98 13.93
N SER G 103 -6.19 3.02 13.44
CA SER G 103 -4.88 3.37 13.97
C SER G 103 -4.96 3.75 15.44
N ARG G 104 -6.04 4.45 15.84
CA ARG G 104 -6.17 4.81 17.25
C ARG G 104 -6.34 3.57 18.11
N ILE G 105 -7.14 2.61 17.65
CA ILE G 105 -7.33 1.38 18.42
C ILE G 105 -6.03 0.59 18.51
N ARG G 106 -5.24 0.58 17.43
CA ARG G 106 -3.95 -0.11 17.48
C ARG G 106 -3.03 0.50 18.54
N ARG G 107 -3.06 1.82 18.70
CA ARG G 107 -2.22 2.49 19.68
C ARG G 107 -2.63 2.16 21.12
N VAL G 108 -3.92 1.99 21.40
CA VAL G 108 -4.35 1.74 22.77
C VAL G 108 -4.50 0.27 23.09
N GLU G 109 -4.17 -0.62 22.14
CA GLU G 109 -4.38 -2.04 22.41
C GLU G 109 -3.60 -2.50 23.63
N THR G 110 -2.37 -2.01 23.79
CA THR G 110 -1.56 -2.40 24.93
C THR G 110 -2.20 -1.97 26.23
N PHE G 111 -2.65 -0.72 26.30
CA PHE G 111 -3.32 -0.27 27.51
C PHE G 111 -4.59 -1.07 27.78
N LEU G 112 -5.38 -1.34 26.72
CA LEU G 112 -6.61 -2.10 26.92
C LEU G 112 -6.34 -3.49 27.47
N SER G 113 -5.21 -4.10 27.08
CA SER G 113 -4.92 -5.45 27.53
C SER G 113 -4.62 -5.51 29.02
N THR G 114 -4.33 -4.37 29.64
CA THR G 114 -4.09 -4.34 31.08
C THR G 114 -5.37 -4.39 31.90
N LEU G 115 -6.53 -4.34 31.27
CA LEU G 115 -7.81 -4.12 31.99
C LEU G 115 -8.33 -5.46 32.49
N THR G 116 -7.74 -5.92 33.58
CA THR G 116 -8.32 -7.03 34.34
C THR G 116 -9.49 -6.52 35.18
N GLU G 117 -10.21 -7.46 35.80
CA GLU G 117 -11.30 -7.08 36.70
C GLU G 117 -10.78 -6.19 37.84
N GLU G 118 -9.62 -6.55 38.42
CA GLU G 118 -9.06 -5.72 39.48
C GLU G 118 -8.63 -4.36 38.94
N ARG G 119 -7.99 -4.34 37.77
CA ARG G 119 -7.58 -3.07 37.16
C ARG G 119 -8.78 -2.19 36.86
N ILE G 120 -9.86 -2.77 36.33
CA ILE G 120 -11.07 -1.99 36.05
C ILE G 120 -11.60 -1.37 37.35
N GLU G 121 -11.48 -2.10 38.47
CA GLU G 121 -12.02 -1.63 39.75
C GLU G 121 -11.27 -0.42 40.29
N GLU G 122 -9.91 -0.48 40.39
CA GLU G 122 -9.14 0.77 40.62
C GLU G 122 -9.48 1.92 39.71
N TYR G 123 -9.56 1.71 38.39
CA TYR G 123 -9.85 2.85 37.52
C TYR G 123 -11.23 3.44 37.81
N TYR G 124 -12.20 2.60 38.19
CA TYR G 124 -13.51 3.13 38.54
C TYR G 124 -13.47 3.93 39.84
N GLY G 125 -12.62 3.52 40.78
CA GLY G 125 -12.39 4.32 41.97
C GLY G 125 -11.49 5.53 41.76
N ASP G 126 -10.87 5.66 40.59
CA ASP G 126 -10.02 6.81 40.28
C ASP G 126 -10.12 7.08 38.77
N MET G 127 -11.26 7.62 38.33
CA MET G 127 -11.48 7.80 36.91
C MET G 127 -10.61 8.91 36.30
N SER G 128 -10.15 9.87 37.12
CA SER G 128 -9.18 10.84 36.64
C SER G 128 -7.87 10.17 36.25
N SER G 129 -7.46 9.13 36.97
CA SER G 129 -6.27 8.39 36.58
C SER G 129 -6.47 7.69 35.25
N LEU G 130 -7.67 7.14 35.02
CA LEU G 130 -7.96 6.49 33.75
C LEU G 130 -8.01 7.52 32.62
N TRP G 131 -8.57 8.69 32.90
CA TRP G 131 -8.58 9.80 31.95
C TRP G 131 -7.18 10.05 31.39
N GLY G 132 -6.20 10.27 32.29
CA GLY G 132 -4.85 10.56 31.84
C GLY G 132 -4.19 9.39 31.13
N SER G 133 -4.48 8.17 31.56
CA SER G 133 -3.84 7.00 30.95
C SER G 133 -4.35 6.76 29.54
N ILE G 134 -5.65 6.96 29.30
CA ILE G 134 -6.18 6.80 27.96
C ILE G 134 -5.53 7.81 27.02
N ALA G 135 -5.48 9.07 27.44
CA ALA G 135 -4.87 10.10 26.58
C ALA G 135 -3.40 9.81 26.34
N ARG G 136 -2.69 9.37 27.38
CA ARG G 136 -1.25 9.12 27.24
C ARG G 136 -0.99 7.99 26.25
N ALA G 137 -1.82 6.95 26.29
CA ALA G 137 -1.68 5.84 25.35
C ALA G 137 -1.92 6.31 23.92
N LEU G 138 -2.88 7.20 23.72
CA LEU G 138 -3.16 7.72 22.37
C LEU G 138 -2.18 8.80 21.94
N GLY G 139 -1.49 9.44 22.87
CA GLY G 139 -0.66 10.59 22.55
C GLY G 139 -1.45 11.85 22.20
N VAL G 140 -2.64 12.00 22.76
CA VAL G 140 -3.51 13.14 22.48
C VAL G 140 -3.79 13.89 23.79
N ASP G 141 -4.37 15.07 23.65
CA ASP G 141 -4.79 15.82 24.83
C ASP G 141 -5.97 15.14 25.50
N LYS G 142 -5.90 14.99 26.83
CA LYS G 142 -7.01 14.38 27.55
C LYS G 142 -8.31 15.16 27.42
N GLU G 143 -8.23 16.45 27.06
CA GLU G 143 -9.41 17.30 26.86
C GLU G 143 -10.16 16.98 25.57
N SER G 144 -9.59 16.16 24.68
CA SER G 144 -10.29 15.87 23.44
C SER G 144 -11.60 15.14 23.72
N LYS G 145 -12.61 15.40 22.88
CA LYS G 145 -13.96 14.95 23.16
C LYS G 145 -14.04 13.44 23.28
N THR G 146 -13.34 12.70 22.41
CA THR G 146 -13.48 11.25 22.44
C THR G 146 -12.86 10.65 23.70
N VAL G 147 -11.80 11.25 24.20
CA VAL G 147 -11.16 10.72 25.40
C VAL G 147 -12.05 10.94 26.60
N VAL G 148 -12.64 12.13 26.72
CA VAL G 148 -13.55 12.43 27.82
C VAL G 148 -14.77 11.53 27.75
N PHE G 149 -15.33 11.37 26.55
CA PHE G 149 -16.47 10.48 26.38
C PHE G 149 -16.11 9.03 26.67
N SER G 150 -14.86 8.63 26.41
CA SER G 150 -14.48 7.26 26.75
C SER G 150 -14.50 7.03 28.27
N VAL G 151 -14.14 8.05 29.06
CA VAL G 151 -14.23 7.92 30.51
C VAL G 151 -15.68 7.75 30.94
N LYS G 152 -16.59 8.55 30.36
CA LYS G 152 -17.99 8.45 30.72
C LYS G 152 -18.55 7.07 30.37
N MET G 153 -18.23 6.56 29.18
CA MET G 153 -18.75 5.25 28.83
C MET G 153 -18.11 4.15 29.65
N PHE G 154 -16.82 4.30 29.96
CA PHE G 154 -16.21 3.40 30.95
C PHE G 154 -17.01 3.40 32.24
N GLY G 155 -17.44 4.59 32.70
CA GLY G 155 -18.25 4.66 33.91
C GLY G 155 -19.56 3.88 33.81
N TYR G 156 -20.19 3.91 32.62
CA TYR G 156 -21.40 3.11 32.42
C TYR G 156 -21.07 1.62 32.54
N ALA G 157 -20.07 1.16 31.77
CA ALA G 157 -19.70 -0.24 31.78
C ALA G 157 -19.30 -0.70 33.18
N ALA G 158 -18.47 0.10 33.87
CA ALA G 158 -18.02 -0.30 35.20
C ALA G 158 -19.18 -0.33 36.20
N ARG G 159 -20.13 0.60 36.08
CA ARG G 159 -21.34 0.56 36.90
C ARG G 159 -22.09 -0.75 36.71
N ILE G 160 -22.16 -1.23 35.47
CA ILE G 160 -22.86 -2.47 35.18
C ILE G 160 -22.08 -3.66 35.71
N VAL G 161 -20.77 -3.69 35.48
CA VAL G 161 -19.95 -4.86 35.78
C VAL G 161 -19.75 -5.01 37.29
N LEU G 162 -19.55 -3.90 37.99
CA LEU G 162 -19.20 -3.94 39.40
C LEU G 162 -20.39 -3.77 40.33
N SER G 163 -21.57 -3.42 39.81
CA SER G 163 -22.76 -3.19 40.62
C SER G 163 -22.51 -2.18 41.73
N THR G 164 -21.69 -1.18 41.45
CA THR G 164 -21.48 -0.04 42.35
C THR G 164 -21.57 1.23 41.53
N PHE G 165 -21.75 2.36 42.23
CA PHE G 165 -21.89 3.65 41.57
C PHE G 165 -20.91 4.63 42.18
N ASN G 166 -19.98 5.13 41.37
CA ASN G 166 -19.08 6.21 41.75
C ASN G 166 -19.36 7.40 40.84
N PRO G 167 -19.72 8.56 41.38
CA PRO G 167 -19.94 9.74 40.52
C PRO G 167 -18.69 10.08 39.71
N TYR G 168 -18.92 10.67 38.54
CA TYR G 168 -17.79 11.07 37.70
C TYR G 168 -16.98 12.15 38.39
N PRO G 169 -15.66 12.18 38.19
CA PRO G 169 -14.87 13.23 38.83
C PRO G 169 -15.37 14.61 38.40
N MET G 170 -15.46 15.49 39.35
CA MET G 170 -15.80 16.86 39.13
C MET G 170 -14.77 17.64 38.27
N GLU G 171 -13.52 17.18 38.14
CA GLU G 171 -12.50 17.82 37.28
C GLU G 171 -12.61 17.45 35.79
N ILE G 172 -13.40 16.44 35.40
CA ILE G 172 -13.52 16.06 34.00
C ILE G 172 -14.60 16.92 33.36
N PRO G 173 -14.31 17.66 32.30
CA PRO G 173 -15.28 18.62 31.75
C PRO G 173 -16.29 17.96 30.82
N ILE G 174 -17.26 18.76 30.39
CA ILE G 174 -18.34 18.25 29.54
C ILE G 174 -17.80 18.06 28.12
N PRO G 175 -18.22 17.02 27.40
CA PRO G 175 -17.78 16.85 26.01
C PRO G 175 -18.34 17.98 25.14
N GLU G 176 -17.45 18.68 24.44
CA GLU G 176 -17.86 19.78 23.58
C GLU G 176 -18.67 19.27 22.40
N ASP G 177 -19.86 19.85 22.21
CA ASP G 177 -20.71 19.53 21.08
C ASP G 177 -21.29 20.82 20.53
N SER G 178 -21.65 20.77 19.23
CA SER G 178 -22.12 21.97 18.53
C SER G 178 -23.38 22.54 19.17
N ARG G 179 -24.27 21.68 19.66
CA ARG G 179 -25.51 22.18 20.26
C ARG G 179 -25.28 22.85 21.60
N ILE G 180 -24.23 22.43 22.32
CA ILE G 180 -23.95 22.99 23.65
C ILE G 180 -23.22 24.33 23.53
N VAL G 181 -22.24 24.42 22.64
CA VAL G 181 -21.48 25.65 22.49
C VAL G 181 -22.36 26.78 21.94
N LYS G 182 -23.32 26.45 21.07
CA LYS G 182 -24.27 27.44 20.61
C LYS G 182 -25.23 27.85 21.72
N LEU G 183 -25.61 26.90 22.57
CA LEU G 183 -26.46 27.23 23.72
C LEU G 183 -25.70 27.99 24.78
N THR G 184 -24.41 27.67 24.96
CA THR G 184 -23.61 28.34 25.97
C THR G 184 -23.47 29.84 25.68
N LYS G 185 -23.41 30.22 24.41
CA LYS G 185 -23.32 31.63 24.06
C LYS G 185 -24.55 32.41 24.52
N LYS G 186 -25.70 31.73 24.61
CA LYS G 186 -26.91 32.37 25.10
C LYS G 186 -26.88 32.64 26.60
N LEU G 187 -26.03 31.92 27.33
CA LEU G 187 -26.02 32.00 28.79
C LEU G 187 -24.86 32.76 29.38
N THR G 188 -23.73 32.86 28.67
CA THR G 188 -22.54 33.48 29.24
C THR G 188 -21.65 33.97 28.10
N ASN G 189 -20.75 34.90 28.45
CA ASN G 189 -19.70 35.35 27.55
C ASN G 189 -18.40 34.58 27.75
N GLU G 190 -18.37 33.63 28.68
CA GLU G 190 -17.17 32.84 28.96
C GLU G 190 -17.18 31.56 28.12
N LYS G 191 -16.01 30.90 28.08
CA LYS G 191 -15.87 29.69 27.29
C LYS G 191 -16.78 28.60 27.83
N PRO G 192 -17.32 27.75 26.94
CA PRO G 192 -18.18 26.64 27.42
C PRO G 192 -17.48 25.72 28.42
N ARG G 193 -16.20 25.39 28.19
CA ARG G 193 -15.49 24.52 29.11
C ARG G 193 -15.45 25.11 30.51
N LYS G 194 -15.14 26.41 30.62
CA LYS G 194 -15.07 27.05 31.93
C LYS G 194 -16.45 27.29 32.52
N PHE G 195 -17.44 27.59 31.67
CA PHE G 195 -18.78 27.86 32.17
C PHE G 195 -19.39 26.65 32.85
N TRP G 196 -19.42 25.51 32.16
CA TRP G 196 -20.02 24.31 32.75
C TRP G 196 -19.18 23.75 33.89
N MET G 197 -17.88 24.06 33.92
CA MET G 197 -17.11 23.80 35.13
C MET G 197 -17.68 24.58 36.31
N LYS G 198 -18.02 25.86 36.10
CA LYS G 198 -18.57 26.67 37.19
C LYS G 198 -19.98 26.20 37.55
N ILE G 199 -20.80 25.90 36.54
CA ILE G 199 -22.13 25.35 36.80
C ILE G 199 -22.02 24.08 37.64
N ALA G 200 -21.09 23.19 37.29
CA ALA G 200 -20.90 21.96 38.06
C ALA G 200 -20.46 22.26 39.49
N ARG G 201 -19.54 23.21 39.67
CA ARG G 201 -19.08 23.53 41.02
C ARG G 201 -20.23 24.04 41.89
N GLU G 202 -21.05 24.96 41.37
CA GLU G 202 -22.14 25.54 42.16
C GLU G 202 -23.21 24.51 42.46
N SER G 203 -23.60 23.73 41.45
CA SER G 203 -24.69 22.76 41.60
C SER G 203 -24.25 21.50 42.35
N GLY G 204 -22.97 21.17 42.30
CA GLY G 204 -22.51 19.90 42.84
C GLY G 204 -22.70 18.70 41.94
N VAL G 205 -23.12 18.91 40.69
CA VAL G 205 -23.28 17.83 39.73
C VAL G 205 -22.06 17.81 38.80
N PRO G 206 -21.24 16.76 38.82
CA PRO G 206 -20.05 16.76 37.98
C PRO G 206 -20.42 16.94 36.51
N PRO G 207 -19.53 17.57 35.73
CA PRO G 207 -19.89 17.92 34.34
C PRO G 207 -20.35 16.74 33.48
N LEU G 208 -19.77 15.55 33.66
CA LEU G 208 -20.23 14.41 32.86
C LEU G 208 -21.64 14.00 33.25
N HIS G 209 -22.04 14.25 34.50
CA HIS G 209 -23.43 14.01 34.87
C HIS G 209 -24.33 15.11 34.33
N ILE G 210 -23.85 16.36 34.26
CA ILE G 210 -24.61 17.42 33.61
C ILE G 210 -24.84 17.08 32.14
N ASP G 211 -23.86 16.43 31.51
CA ASP G 211 -24.02 16.01 30.12
C ASP G 211 -25.21 15.08 29.97
N SER G 212 -25.40 14.16 30.92
CA SER G 212 -26.57 13.29 30.91
C SER G 212 -27.87 14.08 31.07
N ILE G 213 -27.83 15.17 31.82
CA ILE G 213 -29.04 15.96 32.02
C ILE G 213 -29.42 16.76 30.77
N LEU G 214 -28.42 17.26 30.03
CA LEU G 214 -28.69 18.23 28.97
C LEU G 214 -29.23 17.59 27.70
N TRP G 215 -28.73 16.41 27.32
CA TRP G 215 -28.99 15.94 25.97
C TRP G 215 -30.40 15.41 25.76
N PRO G 216 -30.94 14.55 26.64
CA PRO G 216 -32.35 14.15 26.48
C PRO G 216 -33.31 15.32 26.53
N LEU G 217 -32.91 16.44 27.14
CA LEU G 217 -33.75 17.63 27.16
C LEU G 217 -33.65 18.40 25.86
N LEU G 218 -32.42 18.60 25.36
CA LEU G 218 -32.21 19.29 24.09
C LEU G 218 -32.60 18.44 22.88
N GLY G 219 -32.96 17.17 23.09
CA GLY G 219 -33.38 16.31 21.99
C GLY G 219 -34.84 15.94 22.07
N GLY G 220 -35.52 16.34 23.15
CA GLY G 220 -36.92 16.05 23.31
C GLY G 220 -37.24 14.61 23.66
N ALA G 221 -36.38 13.95 24.43
CA ALA G 221 -36.64 12.58 24.83
C ALA G 221 -37.71 12.52 25.92
N SER G 222 -38.35 11.36 26.03
CA SER G 222 -39.44 11.16 26.98
C SER G 222 -38.89 11.03 28.39
N ILE G 223 -39.24 11.96 29.27
CA ILE G 223 -38.86 11.93 30.67
C ILE G 223 -40.05 11.53 31.55
N ASP G 224 -41.02 10.82 30.98
CA ASP G 224 -42.22 10.47 31.73
C ASP G 224 -41.91 9.45 32.83
N SER G 225 -40.98 8.53 32.57
CA SER G 225 -40.64 7.52 33.57
C SER G 225 -40.04 8.13 34.82
N ALA G 226 -39.48 9.34 34.72
CA ALA G 226 -38.92 10.01 35.89
C ALA G 226 -40.01 10.29 36.91
N PRO G 227 -39.68 10.20 38.20
CA PRO G 227 -40.64 10.59 39.23
C PRO G 227 -41.12 12.01 39.00
N PRO G 228 -42.40 12.30 39.28
CA PRO G 228 -42.94 13.64 38.98
C PRO G 228 -42.08 14.77 39.50
N GLU G 229 -41.51 14.63 40.70
CA GLU G 229 -40.64 15.67 41.24
C GLU G 229 -39.47 15.91 40.29
N LEU G 230 -38.87 14.83 39.80
CA LEU G 230 -37.77 14.96 38.83
C LEU G 230 -38.26 15.49 37.50
N ARG G 231 -39.37 14.95 37.00
CA ARG G 231 -39.88 15.33 35.68
C ARG G 231 -40.21 16.82 35.61
N ASP G 232 -40.63 17.41 36.72
CA ASP G 232 -40.92 18.84 36.72
C ASP G 232 -39.64 19.68 36.82
N LYS G 233 -38.61 19.16 37.50
CA LYS G 233 -37.35 19.88 37.57
C LYS G 233 -36.71 19.98 36.19
N LEU G 234 -36.79 18.91 35.40
CA LEU G 234 -36.25 18.95 34.04
C LEU G 234 -37.04 19.92 33.17
N ALA G 235 -38.34 20.08 33.43
CA ALA G 235 -39.15 20.99 32.64
C ALA G 235 -38.74 22.45 32.86
N GLU G 236 -38.47 22.83 34.11
CA GLU G 236 -38.01 24.19 34.38
C GLU G 236 -36.63 24.46 33.79
N LEU G 237 -35.86 23.41 33.50
CA LEU G 237 -34.54 23.61 32.92
C LEU G 237 -34.62 23.95 31.42
N ILE G 238 -35.53 23.29 30.69
CA ILE G 238 -35.65 23.53 29.25
C ILE G 238 -36.15 24.94 28.99
N LYS G 239 -37.08 25.43 29.80
CA LYS G 239 -37.65 26.75 29.61
C LYS G 239 -36.61 27.85 29.73
N ILE G 240 -35.47 27.57 30.35
CA ILE G 240 -34.38 28.54 30.44
C ILE G 240 -33.43 28.42 29.26
N ILE G 241 -33.06 27.18 28.92
CA ILE G 241 -32.18 26.94 27.77
C ILE G 241 -33.00 26.81 26.51
#